data_6NB2
#
_entry.id   6NB2
#
_cell.length_a   116.450
_cell.length_b   116.450
_cell.length_c   142.780
_cell.angle_alpha   90.00
_cell.angle_beta   90.00
_cell.angle_gamma   90.00
#
_symmetry.space_group_name_H-M   'P 42 21 2'
#
loop_
_entity.id
_entity.type
_entity.pdbx_description
1 polymer Enolase
2 non-polymer '2-PHOSPHOGLYCERIC ACID'
3 non-polymer 'MAGNESIUM ION'
4 non-polymer 1,2-ETHANEDIOL
5 water water
#
_entity_poly.entity_id   1
_entity_poly.type   'polypeptide(L)'
_entity_poly.pdbx_seq_one_letter_code
;MAHHHHHHMHIHKIQAREILDSRGNPTIEADVTLTTGIIGRASVPSGASTGSREACELRDNDPKRYAGKGVQKAVKHVNN
EINQALQGLSVEDQENLDRILCQLDNTENKSHLGANAILATSLACARARALSLNQPLYMTLNQGDMMTMPVPMMNILNGG
AHADNNVDIQEFMIMPIGAPDFPVALQMGTEIFHVLKSVLKKQGLNTAVGDEGGFAPNIQSNRQALDLLSEAIEKAGFRL
GEDIVFALDVAASELFNEGFYHMYSENQKFDSHQLIEYYANLISSYPIVSIEDGLDEKDWSGWKQLTTHLGNKVQLVGDD
LFVTNPKILREGIAQGIANAILIKVNQIGTLSETRQAIKLAYDNGYRCVMSHRSGETEDTFIADLAVASGCGQIKTGSLC
RTDRTAKYNQLLRINELASLPYAGKNILKR
;
_entity_poly.pdbx_strand_id   A,B
#
loop_
_chem_comp.id
_chem_comp.type
_chem_comp.name
_chem_comp.formula
2PG non-polymer '2-PHOSPHOGLYCERIC ACID' 'C3 H7 O7 P'
EDO non-polymer 1,2-ETHANEDIOL 'C2 H6 O2'
MG non-polymer 'MAGNESIUM ION' 'Mg 2'
#
# COMPACT_ATOMS: atom_id res chain seq x y z
N HIS A 7 13.54 -33.33 -9.86
CA HIS A 7 12.23 -33.31 -10.51
C HIS A 7 11.31 -32.29 -9.87
N HIS A 8 11.60 -31.95 -8.61
CA HIS A 8 10.71 -31.07 -7.85
C HIS A 8 10.64 -29.65 -8.40
N MET A 9 11.51 -29.29 -9.36
CA MET A 9 11.51 -27.94 -9.91
C MET A 9 10.85 -27.86 -11.27
N HIS A 10 10.16 -28.90 -11.72
CA HIS A 10 9.52 -28.88 -13.02
C HIS A 10 8.18 -28.15 -12.96
N ILE A 11 7.87 -27.40 -14.02
CA ILE A 11 6.67 -26.57 -14.08
C ILE A 11 5.48 -27.43 -14.49
N HIS A 12 4.41 -27.34 -13.71
CA HIS A 12 3.15 -27.97 -14.08
C HIS A 12 2.27 -27.04 -14.91
N LYS A 13 2.17 -25.78 -14.50
CA LYS A 13 1.21 -24.86 -15.08
C LYS A 13 1.64 -23.44 -14.75
N ILE A 14 1.35 -22.51 -15.67
CA ILE A 14 1.52 -21.09 -15.43
C ILE A 14 0.20 -20.40 -15.77
N GLN A 15 -0.21 -19.47 -14.91
CA GLN A 15 -1.45 -18.74 -15.10
C GLN A 15 -1.23 -17.31 -14.62
N ALA A 16 -2.07 -16.41 -15.11
CA ALA A 16 -1.96 -15.02 -14.70
C ALA A 16 -3.35 -14.47 -14.39
N ARG A 17 -3.36 -13.27 -13.82
CA ARG A 17 -4.59 -12.58 -13.51
C ARG A 17 -4.32 -11.08 -13.51
N GLU A 18 -5.38 -10.32 -13.71
CA GLU A 18 -5.35 -8.87 -13.64
C GLU A 18 -5.62 -8.44 -12.21
N ILE A 19 -4.73 -7.62 -11.63
CA ILE A 19 -4.93 -7.02 -10.30
C ILE A 19 -4.76 -5.51 -10.43
N LEU A 20 -4.99 -4.78 -9.33
CA LEU A 20 -4.79 -3.32 -9.32
C LEU A 20 -3.44 -2.94 -8.73
N ASP A 21 -2.73 -2.00 -9.39
CA ASP A 21 -1.54 -1.42 -8.78
C ASP A 21 -1.94 -0.30 -7.83
N SER A 22 -0.93 0.34 -7.25
CA SER A 22 -1.15 1.27 -6.16
C SER A 22 -1.72 2.60 -6.63
N ARG A 23 -1.75 2.86 -7.93
CA ARG A 23 -2.43 4.03 -8.46
C ARG A 23 -3.84 3.73 -8.93
N GLY A 24 -4.29 2.48 -8.81
CA GLY A 24 -5.60 2.11 -9.32
C GLY A 24 -5.62 1.68 -10.77
N ASN A 25 -4.48 1.31 -11.32
CA ASN A 25 -4.51 0.83 -12.70
C ASN A 25 -4.23 -0.66 -12.76
N PRO A 26 -4.84 -1.37 -13.72
CA PRO A 26 -4.59 -2.82 -13.83
C PRO A 26 -3.12 -3.12 -14.04
N THR A 27 -2.67 -4.22 -13.44
CA THR A 27 -1.40 -4.82 -13.80
C THR A 27 -1.53 -6.33 -13.70
N ILE A 28 -0.44 -7.04 -13.98
CA ILE A 28 -0.48 -8.49 -14.13
C ILE A 28 0.21 -9.17 -12.96
N GLU A 29 -0.36 -10.29 -12.54
CA GLU A 29 0.23 -11.19 -11.55
C GLU A 29 0.22 -12.60 -12.13
N ALA A 30 1.31 -13.34 -11.93
CA ALA A 30 1.44 -14.70 -12.44
C ALA A 30 1.68 -15.67 -11.30
N ASP A 31 1.07 -16.86 -11.40
CA ASP A 31 1.31 -17.97 -10.50
C ASP A 31 1.98 -19.09 -11.29
N VAL A 32 3.16 -19.52 -10.84
CA VAL A 32 3.83 -20.67 -11.43
C VAL A 32 3.65 -21.86 -10.49
N THR A 33 2.97 -22.89 -10.96
CA THR A 33 2.72 -24.10 -10.18
C THR A 33 3.66 -25.20 -10.64
N LEU A 34 4.41 -25.75 -9.69
CA LEU A 34 5.31 -26.87 -9.96
C LEU A 34 4.57 -28.18 -9.81
N THR A 35 5.22 -29.28 -10.20
CA THR A 35 4.57 -30.58 -10.08
C THR A 35 4.41 -31.02 -8.64
N THR A 36 5.18 -30.45 -7.72
CA THR A 36 5.00 -30.69 -6.29
C THR A 36 3.84 -29.89 -5.70
N GLY A 37 3.22 -29.01 -6.48
CA GLY A 37 2.17 -28.15 -6.00
C GLY A 37 2.64 -26.83 -5.42
N ILE A 38 3.96 -26.66 -5.20
CA ILE A 38 4.48 -25.37 -4.78
C ILE A 38 4.12 -24.33 -5.82
N ILE A 39 3.71 -23.15 -5.34
CA ILE A 39 3.29 -22.07 -6.22
C ILE A 39 4.17 -20.86 -5.96
N GLY A 40 4.82 -20.36 -7.01
CA GLY A 40 5.48 -19.07 -6.98
C GLY A 40 4.58 -18.03 -7.60
N ARG A 41 4.51 -16.86 -6.97
CA ARG A 41 3.66 -15.78 -7.41
C ARG A 41 4.45 -14.48 -7.48
N ALA A 42 4.18 -13.68 -8.52
CA ALA A 42 4.80 -12.36 -8.63
C ALA A 42 3.88 -11.43 -9.41
N SER A 43 3.95 -10.14 -9.08
CA SER A 43 3.20 -9.14 -9.82
C SER A 43 4.16 -8.05 -10.29
N VAL A 44 3.70 -7.25 -11.24
CA VAL A 44 4.55 -6.38 -12.05
C VAL A 44 4.19 -4.93 -11.76
N PRO A 45 5.17 -4.06 -11.48
CA PRO A 45 4.88 -2.64 -11.24
C PRO A 45 4.75 -1.90 -12.58
N SER A 46 4.43 -0.61 -12.49
CA SER A 46 4.17 0.19 -13.67
C SER A 46 4.60 1.63 -13.41
N GLY A 47 5.36 2.21 -14.34
CA GLY A 47 5.80 3.57 -14.17
C GLY A 47 4.84 4.61 -14.71
N ALA A 48 5.05 5.85 -14.28
CA ALA A 48 4.38 7.01 -14.83
C ALA A 48 5.33 7.78 -15.76
N SER A 49 6.48 8.18 -15.23
CA SER A 49 7.51 8.84 -16.05
C SER A 49 8.40 7.76 -16.67
N THR A 50 7.88 7.10 -17.71
CA THR A 50 8.59 5.99 -18.35
C THR A 50 9.57 6.49 -19.42
N GLY A 51 10.73 5.85 -19.50
CA GLY A 51 11.68 6.18 -20.54
C GLY A 51 11.20 5.71 -21.90
N SER A 52 11.61 6.42 -22.95
CA SER A 52 11.13 6.06 -24.28
C SER A 52 11.62 4.68 -24.71
N ARG A 53 12.70 4.18 -24.13
CA ARG A 53 13.26 2.90 -24.57
C ARG A 53 12.95 1.76 -23.61
N GLU A 54 12.03 1.95 -22.67
CA GLU A 54 11.62 0.85 -21.80
C GLU A 54 10.99 -0.27 -22.61
N ALA A 55 11.12 -1.49 -22.11
CA ALA A 55 10.47 -2.62 -22.75
C ALA A 55 8.96 -2.44 -22.69
N CYS A 56 8.27 -3.12 -23.62
CA CYS A 56 6.86 -2.83 -23.89
C CYS A 56 5.95 -3.28 -22.75
N GLU A 57 5.25 -2.32 -22.15
CA GLU A 57 4.18 -2.62 -21.20
C GLU A 57 2.91 -2.81 -22.02
N LEU A 58 2.47 -4.05 -22.20
CA LEU A 58 1.36 -4.35 -23.08
C LEU A 58 0.04 -4.07 -22.37
N ARG A 59 -0.75 -3.14 -22.90
CA ARG A 59 -2.09 -2.88 -22.39
C ARG A 59 -3.13 -3.17 -23.47
N ASP A 60 -4.38 -3.21 -23.05
CA ASP A 60 -5.45 -3.67 -23.92
C ASP A 60 -5.97 -2.58 -24.85
N ASN A 61 -5.97 -1.33 -24.39
CA ASN A 61 -6.48 -0.20 -25.17
C ASN A 61 -7.96 -0.37 -25.53
N ASP A 62 -8.72 -0.95 -24.59
CA ASP A 62 -10.15 -1.05 -24.71
C ASP A 62 -10.76 0.09 -23.92
N PRO A 63 -11.35 1.09 -24.56
CA PRO A 63 -11.90 2.23 -23.79
C PRO A 63 -13.04 1.84 -22.86
N LYS A 64 -13.66 0.68 -23.06
CA LYS A 64 -14.73 0.26 -22.16
C LYS A 64 -14.21 -0.29 -20.84
N ARG A 65 -12.92 -0.62 -20.74
CA ARG A 65 -12.38 -1.21 -19.52
C ARG A 65 -11.20 -0.39 -19.04
N TYR A 66 -11.34 0.19 -17.85
CA TYR A 66 -10.23 0.83 -17.17
C TYR A 66 -9.58 1.92 -18.03
N ALA A 67 -10.39 2.62 -18.82
CA ALA A 67 -9.91 3.72 -19.66
C ALA A 67 -8.74 3.26 -20.52
N GLY A 68 -8.86 2.05 -21.08
CA GLY A 68 -7.87 1.48 -21.98
C GLY A 68 -6.69 0.81 -21.31
N LYS A 69 -6.67 0.67 -19.98
CA LYS A 69 -5.46 0.23 -19.30
C LYS A 69 -5.54 -1.21 -18.77
N GLY A 70 -6.52 -1.99 -19.22
CA GLY A 70 -6.55 -3.40 -18.87
C GLY A 70 -5.34 -4.15 -19.39
N VAL A 71 -5.04 -5.29 -18.77
CA VAL A 71 -3.93 -6.12 -19.19
C VAL A 71 -4.38 -7.55 -19.45
N GLN A 72 -5.62 -7.72 -19.93
CA GLN A 72 -6.08 -9.06 -20.25
CA GLN A 72 -6.11 -9.05 -20.28
C GLN A 72 -5.34 -9.66 -21.44
N LYS A 73 -4.80 -8.84 -22.33
CA LYS A 73 -3.99 -9.38 -23.43
C LYS A 73 -2.71 -10.03 -22.89
N ALA A 74 -2.03 -9.32 -21.97
CA ALA A 74 -0.85 -9.89 -21.35
C ALA A 74 -1.20 -11.12 -20.52
N VAL A 75 -2.32 -11.08 -19.81
CA VAL A 75 -2.77 -12.24 -19.03
C VAL A 75 -2.96 -13.44 -19.94
N LYS A 76 -3.60 -13.23 -21.09
CA LYS A 76 -3.85 -14.30 -22.05
C LYS A 76 -2.53 -14.86 -22.59
N HIS A 77 -1.53 -14.00 -22.80
CA HIS A 77 -0.23 -14.47 -23.25
C HIS A 77 0.45 -15.35 -22.21
N VAL A 78 0.23 -15.10 -20.92
CA VAL A 78 0.77 -16.00 -19.91
C VAL A 78 -0.02 -17.31 -19.91
N ASN A 79 -1.35 -17.22 -19.89
CA ASN A 79 -2.18 -18.42 -19.78
C ASN A 79 -1.99 -19.35 -20.97
N ASN A 80 -1.69 -18.81 -22.15
CA ASN A 80 -1.66 -19.62 -23.36
C ASN A 80 -0.24 -19.85 -23.88
N GLU A 81 0.30 -18.88 -24.63
CA GLU A 81 1.62 -19.04 -25.24
C GLU A 81 2.68 -19.42 -24.21
N ILE A 82 2.75 -18.69 -23.10
CA ILE A 82 3.84 -18.87 -22.14
C ILE A 82 3.68 -20.18 -21.40
N ASN A 83 2.47 -20.49 -20.94
CA ASN A 83 2.24 -21.77 -20.25
C ASN A 83 2.62 -22.94 -21.15
N GLN A 84 2.17 -22.90 -22.41
CA GLN A 84 2.44 -24.02 -23.32
C GLN A 84 3.92 -24.15 -23.62
N ALA A 85 4.63 -23.01 -23.70
CA ALA A 85 6.05 -23.07 -23.99
C ALA A 85 6.88 -23.56 -22.80
N LEU A 86 6.39 -23.36 -21.58
CA LEU A 86 7.20 -23.65 -20.40
C LEU A 86 6.77 -24.89 -19.63
N GLN A 87 5.62 -25.48 -19.93
CA GLN A 87 5.17 -26.60 -19.10
C GLN A 87 6.03 -27.82 -19.37
N GLY A 88 6.61 -28.37 -18.30
CA GLY A 88 7.59 -29.43 -18.37
C GLY A 88 8.99 -29.00 -18.03
N LEU A 89 9.31 -27.71 -18.14
CA LEU A 89 10.66 -27.22 -17.94
C LEU A 89 10.90 -26.93 -16.46
N SER A 90 12.19 -26.78 -16.11
CA SER A 90 12.61 -26.60 -14.73
C SER A 90 12.81 -25.13 -14.40
N VAL A 91 12.42 -24.73 -13.18
CA VAL A 91 12.71 -23.38 -12.70
C VAL A 91 14.10 -23.27 -12.10
N GLU A 92 14.87 -24.36 -12.08
CA GLU A 92 16.18 -24.32 -11.42
C GLU A 92 17.16 -23.41 -12.16
N ASP A 93 17.01 -23.28 -13.48
CA ASP A 93 17.93 -22.52 -14.32
C ASP A 93 17.22 -21.24 -14.78
N GLN A 94 17.41 -20.16 -14.02
CA GLN A 94 16.73 -18.91 -14.34
C GLN A 94 17.13 -18.40 -15.72
N GLU A 95 18.41 -18.47 -16.06
CA GLU A 95 18.87 -17.98 -17.36
C GLU A 95 18.16 -18.70 -18.49
N ASN A 96 17.98 -20.02 -18.37
CA ASN A 96 17.35 -20.80 -19.43
C ASN A 96 15.90 -20.39 -19.63
N LEU A 97 15.14 -20.28 -18.54
CA LEU A 97 13.75 -19.88 -18.66
C LEU A 97 13.62 -18.50 -19.28
N ASP A 98 14.43 -17.54 -18.83
CA ASP A 98 14.35 -16.19 -19.39
C ASP A 98 14.74 -16.19 -20.86
N ARG A 99 15.74 -16.97 -21.23
CA ARG A 99 16.07 -17.14 -22.64
CA ARG A 99 16.09 -17.15 -22.63
C ARG A 99 14.86 -17.62 -23.43
N ILE A 100 14.18 -18.65 -22.93
CA ILE A 100 13.05 -19.22 -23.65
C ILE A 100 11.93 -18.20 -23.80
N LEU A 101 11.70 -17.39 -22.76
CA LEU A 101 10.65 -16.38 -22.82
C LEU A 101 10.98 -15.31 -23.86
N CYS A 102 12.21 -14.83 -23.88
CA CYS A 102 12.61 -13.82 -24.86
C CYS A 102 12.54 -14.37 -26.28
N GLN A 103 13.00 -15.62 -26.47
CA GLN A 103 12.94 -16.21 -27.79
C GLN A 103 11.51 -16.45 -28.23
N LEU A 104 10.63 -16.80 -27.30
CA LEU A 104 9.22 -16.97 -27.62
C LEU A 104 8.59 -15.66 -28.10
N ASP A 105 8.94 -14.55 -27.43
CA ASP A 105 8.44 -13.25 -27.84
C ASP A 105 9.00 -12.84 -29.20
N ASN A 106 10.31 -13.00 -29.39
CA ASN A 106 11.01 -12.83 -30.67
C ASN A 106 10.98 -11.39 -31.18
N THR A 107 10.85 -10.41 -30.29
CA THR A 107 10.95 -9.00 -30.65
C THR A 107 11.96 -8.32 -29.74
N GLU A 108 12.56 -7.25 -30.25
CA GLU A 108 13.59 -6.56 -29.48
C GLU A 108 13.04 -5.98 -28.17
N ASN A 109 11.83 -5.44 -28.20
CA ASN A 109 11.28 -4.70 -27.07
CA ASN A 109 11.31 -4.71 -27.05
C ASN A 109 10.19 -5.46 -26.33
N LYS A 110 10.07 -6.77 -26.57
CA LYS A 110 9.05 -7.61 -25.93
C LYS A 110 7.63 -7.11 -26.23
N SER A 111 7.42 -6.67 -27.47
CA SER A 111 6.13 -6.10 -27.87
C SER A 111 5.13 -7.14 -28.34
N HIS A 112 5.52 -8.41 -28.45
CA HIS A 112 4.57 -9.45 -28.84
C HIS A 112 3.85 -10.02 -27.62
N LEU A 113 4.60 -10.59 -26.67
CA LEU A 113 3.98 -11.09 -25.44
C LEU A 113 3.76 -9.98 -24.42
N GLY A 114 4.57 -8.93 -24.46
CA GLY A 114 4.51 -7.92 -23.43
C GLY A 114 5.56 -8.18 -22.37
N ALA A 115 6.37 -7.16 -22.07
CA ALA A 115 7.37 -7.31 -21.02
C ALA A 115 6.71 -7.58 -19.67
N ASN A 116 5.48 -7.12 -19.48
CA ASN A 116 4.83 -7.36 -18.20
C ASN A 116 4.41 -8.83 -18.08
N ALA A 117 3.95 -9.44 -19.18
CA ALA A 117 3.71 -10.88 -19.15
C ALA A 117 5.00 -11.66 -18.90
N ILE A 118 6.07 -11.29 -19.60
CA ILE A 118 7.33 -12.00 -19.45
C ILE A 118 7.91 -11.82 -18.05
N LEU A 119 7.87 -10.59 -17.52
CA LEU A 119 8.47 -10.37 -16.20
C LEU A 119 7.68 -11.07 -15.10
N ALA A 120 6.35 -11.00 -15.16
CA ALA A 120 5.55 -11.71 -14.17
C ALA A 120 5.96 -13.19 -14.12
N THR A 121 6.15 -13.81 -15.29
CA THR A 121 6.58 -15.21 -15.32
C THR A 121 7.99 -15.35 -14.79
N SER A 122 8.90 -14.45 -15.19
CA SER A 122 10.29 -14.55 -14.80
C SER A 122 10.44 -14.52 -13.27
N LEU A 123 9.76 -13.57 -12.64
CA LEU A 123 9.87 -13.43 -11.19
C LEU A 123 9.11 -14.51 -10.46
N ALA A 124 7.95 -14.91 -10.98
CA ALA A 124 7.21 -16.01 -10.35
C ALA A 124 8.03 -17.29 -10.36
N CYS A 125 8.75 -17.55 -11.46
CA CYS A 125 9.62 -18.72 -11.51
C CYS A 125 10.73 -18.62 -10.47
N ALA A 126 11.32 -17.43 -10.32
CA ALA A 126 12.33 -17.24 -9.29
C ALA A 126 11.79 -17.55 -7.89
N ARG A 127 10.56 -17.15 -7.61
CA ARG A 127 9.98 -17.48 -6.30
C ARG A 127 9.69 -18.96 -6.17
N ALA A 128 9.20 -19.60 -7.23
CA ALA A 128 8.97 -21.04 -7.18
C ALA A 128 10.27 -21.80 -6.96
N ARG A 129 11.36 -21.31 -7.55
CA ARG A 129 12.66 -21.94 -7.33
C ARG A 129 13.10 -21.80 -5.88
N ALA A 130 12.89 -20.62 -5.29
CA ALA A 130 13.29 -20.40 -3.90
C ALA A 130 12.48 -21.27 -2.95
N LEU A 131 11.17 -21.38 -3.19
CA LEU A 131 10.35 -22.25 -2.37
C LEU A 131 10.79 -23.70 -2.51
N SER A 132 11.21 -24.09 -3.71
CA SER A 132 11.67 -25.46 -3.93
C SER A 132 12.94 -25.75 -3.16
N LEU A 133 13.82 -24.76 -3.01
CA LEU A 133 15.04 -24.92 -2.26
C LEU A 133 14.85 -24.76 -0.76
N ASN A 134 13.64 -24.40 -0.32
CA ASN A 134 13.35 -24.10 1.08
C ASN A 134 14.38 -23.12 1.64
N GLN A 135 14.59 -22.04 0.90
CA GLN A 135 15.54 -21.01 1.27
C GLN A 135 14.91 -19.63 1.09
N PRO A 136 15.28 -18.66 1.91
CA PRO A 136 14.79 -17.29 1.72
C PRO A 136 15.10 -16.80 0.32
N LEU A 137 14.16 -16.03 -0.25
CA LEU A 137 14.32 -15.57 -1.64
C LEU A 137 15.65 -14.85 -1.84
N TYR A 138 15.99 -13.93 -0.94
CA TYR A 138 17.22 -13.16 -1.14
C TYR A 138 18.44 -14.08 -1.20
N MET A 139 18.43 -15.16 -0.41
CA MET A 139 19.54 -16.10 -0.46
C MET A 139 19.64 -16.75 -1.84
N THR A 140 18.51 -17.16 -2.40
CA THR A 140 18.51 -17.83 -3.70
C THR A 140 18.80 -16.88 -4.85
N LEU A 141 18.72 -15.57 -4.62
CA LEU A 141 19.01 -14.59 -5.66
C LEU A 141 20.47 -14.16 -5.70
N ASN A 142 21.23 -14.43 -4.63
CA ASN A 142 22.61 -13.99 -4.59
C ASN A 142 23.44 -14.69 -5.65
N GLN A 143 24.27 -13.92 -6.35
CA GLN A 143 25.17 -14.47 -7.36
C GLN A 143 26.63 -14.20 -7.02
N GLY A 144 26.97 -14.27 -5.73
CA GLY A 144 28.35 -14.20 -5.29
C GLY A 144 28.74 -12.87 -4.68
N ASP A 145 27.95 -11.81 -4.87
CA ASP A 145 28.29 -10.52 -4.31
C ASP A 145 28.12 -10.51 -2.80
N MET A 146 28.92 -9.68 -2.13
CA MET A 146 28.78 -9.51 -0.70
CA MET A 146 28.78 -9.50 -0.69
C MET A 146 27.47 -8.78 -0.41
N MET A 147 26.58 -9.42 0.33
CA MET A 147 25.27 -8.84 0.60
C MET A 147 25.34 -7.85 1.75
N THR A 148 24.53 -6.80 1.66
CA THR A 148 24.42 -5.78 2.69
C THR A 148 22.97 -5.35 2.78
N MET A 149 22.58 -4.86 3.93
CA MET A 149 21.30 -4.17 4.01
C MET A 149 21.47 -2.80 3.37
N PRO A 150 20.62 -2.42 2.43
CA PRO A 150 20.85 -1.20 1.66
C PRO A 150 20.47 0.07 2.40
N VAL A 151 21.16 1.15 2.07
CA VAL A 151 20.74 2.48 2.51
C VAL A 151 19.51 2.90 1.71
N PRO A 152 18.40 3.26 2.36
CA PRO A 152 17.23 3.69 1.58
C PRO A 152 17.28 5.18 1.27
N MET A 153 16.96 5.52 0.03
CA MET A 153 16.70 6.92 -0.30
C MET A 153 15.19 7.08 -0.36
N MET A 154 14.67 7.96 0.51
CA MET A 154 13.26 7.98 0.91
C MET A 154 12.61 9.24 0.38
N ASN A 155 11.68 9.08 -0.54
CA ASN A 155 11.12 10.19 -1.31
C ASN A 155 9.97 10.79 -0.52
N ILE A 156 10.26 11.76 0.35
CA ILE A 156 9.23 12.24 1.28
C ILE A 156 8.56 13.52 0.82
N LEU A 157 8.96 14.07 -0.33
CA LEU A 157 8.28 15.23 -0.90
C LEU A 157 8.19 14.94 -2.39
N ASN A 158 6.98 14.67 -2.89
CA ASN A 158 6.77 14.19 -4.25
C ASN A 158 6.45 15.35 -5.19
N GLY A 159 6.91 15.23 -6.43
CA GLY A 159 6.61 16.23 -7.44
C GLY A 159 6.50 15.64 -8.83
N GLY A 160 6.58 16.49 -9.85
CA GLY A 160 6.65 15.99 -11.22
C GLY A 160 5.44 15.15 -11.56
N ALA A 161 5.69 14.03 -12.23
CA ALA A 161 4.63 13.13 -12.69
C ALA A 161 3.91 12.41 -11.58
N HIS A 162 4.38 12.51 -10.33
CA HIS A 162 3.84 11.71 -9.24
C HIS A 162 2.89 12.49 -8.33
N ALA A 163 2.68 13.77 -8.61
CA ALA A 163 1.84 14.55 -7.70
C ALA A 163 1.19 15.69 -8.45
N ASP A 164 0.04 16.10 -7.93
CA ASP A 164 -0.73 17.23 -8.42
CA ASP A 164 -0.67 17.24 -8.47
C ASP A 164 -0.32 18.44 -7.58
N ASN A 165 0.86 18.97 -7.87
CA ASN A 165 1.36 20.19 -7.24
C ASN A 165 2.22 20.88 -8.30
N ASN A 166 2.87 21.98 -7.91
CA ASN A 166 3.65 22.73 -8.89
C ASN A 166 5.11 22.33 -8.93
N VAL A 167 5.48 21.24 -8.26
CA VAL A 167 6.89 20.88 -8.09
C VAL A 167 7.41 20.21 -9.37
N ASP A 168 8.53 20.73 -9.90
CA ASP A 168 9.07 20.17 -11.14
C ASP A 168 9.93 18.94 -10.88
N ILE A 169 10.84 19.04 -9.92
CA ILE A 169 11.67 17.89 -9.55
C ILE A 169 10.77 16.77 -9.06
N GLN A 170 11.01 15.56 -9.57
CA GLN A 170 10.06 14.48 -9.30
C GLN A 170 10.17 14.00 -7.85
N GLU A 171 11.38 13.90 -7.31
CA GLU A 171 11.60 13.22 -6.03
C GLU A 171 12.64 13.97 -5.19
N PHE A 172 12.26 14.32 -3.96
CA PHE A 172 13.17 14.87 -2.96
C PHE A 172 13.38 13.82 -1.88
N MET A 173 14.59 13.29 -1.77
CA MET A 173 14.82 12.13 -0.94
C MET A 173 15.80 12.42 0.19
N ILE A 174 15.56 11.78 1.34
CA ILE A 174 16.53 11.75 2.43
C ILE A 174 17.15 10.36 2.45
N MET A 175 18.42 10.30 2.87
CA MET A 175 19.14 9.03 3.03
C MET A 175 19.77 9.00 4.41
N PRO A 176 19.39 8.05 5.28
CA PRO A 176 19.94 7.94 6.65
C PRO A 176 21.27 7.18 6.63
N ILE A 177 22.25 7.80 5.99
CA ILE A 177 23.53 7.14 5.79
CA ILE A 177 23.54 7.17 5.78
C ILE A 177 24.29 6.92 7.10
N GLY A 178 23.99 7.69 8.15
CA GLY A 178 24.71 7.59 9.40
C GLY A 178 24.12 6.65 10.43
N ALA A 179 23.09 5.90 10.08
CA ALA A 179 22.49 4.98 11.03
C ALA A 179 23.40 3.79 11.28
N PRO A 180 23.34 3.20 12.49
CA PRO A 180 24.17 2.02 12.78
C PRO A 180 23.69 0.74 12.13
N ASP A 181 22.40 0.63 11.80
CA ASP A 181 21.86 -0.58 11.18
C ASP A 181 20.58 -0.20 10.45
N PHE A 182 19.99 -1.17 9.76
CA PHE A 182 18.83 -0.84 8.95
C PHE A 182 17.60 -0.50 9.78
N PRO A 183 17.24 -1.22 10.85
CA PRO A 183 16.05 -0.80 11.62
C PRO A 183 16.15 0.63 12.13
N VAL A 184 17.33 1.06 12.58
CA VAL A 184 17.48 2.43 13.04
C VAL A 184 17.44 3.41 11.86
N ALA A 185 17.99 3.02 10.72
CA ALA A 185 17.87 3.85 9.52
C ALA A 185 16.41 4.09 9.17
N LEU A 186 15.59 3.04 9.22
CA LEU A 186 14.17 3.18 8.94
C LEU A 186 13.50 4.09 9.96
N GLN A 187 13.85 3.91 11.24
CA GLN A 187 13.32 4.77 12.29
C GLN A 187 13.65 6.23 12.04
N MET A 188 14.90 6.53 11.67
CA MET A 188 15.28 7.93 11.44
C MET A 188 14.46 8.54 10.31
N GLY A 189 14.38 7.85 9.18
CA GLY A 189 13.58 8.36 8.07
C GLY A 189 12.13 8.57 8.45
N THR A 190 11.56 7.62 9.18
CA THR A 190 10.17 7.72 9.61
C THR A 190 9.96 8.92 10.54
N GLU A 191 10.86 9.10 11.51
CA GLU A 191 10.71 10.22 12.42
C GLU A 191 10.79 11.55 11.68
N ILE A 192 11.71 11.65 10.72
CA ILE A 192 11.85 12.87 9.92
C ILE A 192 10.59 13.12 9.10
N PHE A 193 10.03 12.05 8.52
CA PHE A 193 8.80 12.15 7.73
C PHE A 193 7.67 12.76 8.55
N HIS A 194 7.45 12.26 9.78
CA HIS A 194 6.37 12.80 10.59
C HIS A 194 6.66 14.23 11.03
N VAL A 195 7.93 14.55 11.30
CA VAL A 195 8.24 15.93 11.64
C VAL A 195 8.01 16.85 10.45
N LEU A 196 8.36 16.40 9.25
CA LEU A 196 8.12 17.18 8.04
C LEU A 196 6.63 17.45 7.85
N LYS A 197 5.77 16.49 8.18
CA LYS A 197 4.34 16.76 8.15
C LYS A 197 4.01 17.97 9.03
N SER A 198 4.55 18.01 10.26
CA SER A 198 4.25 19.12 11.14
CA SER A 198 4.23 19.12 11.14
C SER A 198 4.82 20.42 10.61
N VAL A 199 6.01 20.38 10.02
CA VAL A 199 6.63 21.56 9.43
C VAL A 199 5.75 22.14 8.33
N LEU A 200 5.28 21.27 7.42
CA LEU A 200 4.42 21.73 6.33
C LEU A 200 3.10 22.28 6.86
N LYS A 201 2.48 21.56 7.80
CA LYS A 201 1.21 22.02 8.34
C LYS A 201 1.32 23.40 8.94
N LYS A 202 2.41 23.66 9.68
CA LYS A 202 2.58 24.96 10.32
C LYS A 202 2.74 26.08 9.30
N GLN A 203 3.19 25.77 8.09
CA GLN A 203 3.33 26.79 7.05
C GLN A 203 2.14 26.80 6.10
N GLY A 204 1.07 26.08 6.43
CA GLY A 204 -0.10 26.07 5.57
C GLY A 204 0.11 25.35 4.25
N LEU A 205 1.03 24.41 4.20
CA LEU A 205 1.32 23.66 2.99
C LEU A 205 0.67 22.27 3.05
N ASN A 206 0.32 21.75 1.87
CA ASN A 206 -0.50 20.55 1.75
C ASN A 206 0.24 19.33 2.28
N THR A 207 -0.43 18.51 3.12
CA THR A 207 0.21 17.28 3.58
C THR A 207 -0.52 16.01 3.11
N ALA A 208 -1.49 16.12 2.21
CA ALA A 208 -1.91 14.94 1.47
C ALA A 208 -0.72 14.46 0.62
N VAL A 209 -0.77 13.20 0.17
CA VAL A 209 0.43 12.61 -0.40
C VAL A 209 0.26 12.30 -1.88
N GLY A 210 1.41 12.28 -2.57
CA GLY A 210 1.48 11.88 -3.96
C GLY A 210 1.66 10.39 -4.10
N ASP A 211 2.01 9.97 -5.32
CA ASP A 211 1.94 8.55 -5.69
C ASP A 211 2.88 7.70 -4.85
N GLU A 212 4.00 8.25 -4.40
CA GLU A 212 4.99 7.47 -3.68
C GLU A 212 4.97 7.76 -2.18
N GLY A 213 3.91 8.41 -1.70
CA GLY A 213 3.75 8.62 -0.27
C GLY A 213 4.46 9.83 0.29
N GLY A 214 5.10 10.64 -0.53
CA GLY A 214 5.66 11.89 -0.04
C GLY A 214 4.60 12.97 -0.05
N PHE A 215 4.79 13.99 0.79
CA PHE A 215 3.81 15.08 0.79
C PHE A 215 3.86 15.80 -0.55
N ALA A 216 2.73 16.40 -0.92
CA ALA A 216 2.58 17.06 -2.22
C ALA A 216 2.24 18.54 -2.07
N PRO A 217 3.05 19.31 -1.37
CA PRO A 217 2.80 20.75 -1.26
C PRO A 217 3.22 21.47 -2.53
N ASN A 218 2.67 22.67 -2.72
CA ASN A 218 3.26 23.60 -3.67
C ASN A 218 4.43 24.31 -3.02
N ILE A 219 5.45 24.62 -3.83
CA ILE A 219 6.69 25.20 -3.31
C ILE A 219 7.04 26.45 -4.13
N GLN A 220 7.76 27.36 -3.47
CA GLN A 220 8.28 28.58 -4.12
CA GLN A 220 8.23 28.56 -4.17
C GLN A 220 9.48 28.27 -4.98
N SER A 221 10.27 27.26 -4.62
CA SER A 221 11.50 26.93 -5.33
C SER A 221 12.01 25.59 -4.82
N ASN A 222 12.92 25.00 -5.60
CA ASN A 222 13.55 23.76 -5.16
C ASN A 222 14.38 24.00 -3.90
N ARG A 223 14.97 25.18 -3.78
CA ARG A 223 15.73 25.48 -2.57
C ARG A 223 14.81 25.54 -1.35
N GLN A 224 13.60 26.09 -1.49
CA GLN A 224 12.65 26.04 -0.38
C GLN A 224 12.32 24.61 0.01
N ALA A 225 12.13 23.72 -0.97
CA ALA A 225 11.85 22.33 -0.63
C ALA A 225 12.99 21.73 0.18
N LEU A 226 14.24 22.00 -0.23
CA LEU A 226 15.37 21.48 0.53
C LEU A 226 15.50 22.15 1.90
N ASP A 227 15.13 23.43 2.00
CA ASP A 227 15.12 24.09 3.30
C ASP A 227 14.08 23.46 4.23
N LEU A 228 12.92 23.10 3.69
CA LEU A 228 11.88 22.47 4.50
C LEU A 228 12.32 21.11 4.98
N LEU A 229 12.92 20.30 4.09
CA LEU A 229 13.46 19.02 4.52
C LEU A 229 14.55 19.22 5.57
N SER A 230 15.41 20.23 5.38
CA SER A 230 16.46 20.50 6.36
C SER A 230 15.86 20.87 7.71
N GLU A 231 14.82 21.71 7.70
CA GLU A 231 14.18 22.09 8.96
C GLU A 231 13.61 20.88 9.68
N ALA A 232 13.00 19.95 8.92
CA ALA A 232 12.45 18.73 9.53
C ALA A 232 13.57 17.85 10.08
N ILE A 233 14.68 17.73 9.34
CA ILE A 233 15.80 16.92 9.83
C ILE A 233 16.32 17.48 11.15
N GLU A 234 16.49 18.80 11.22
CA GLU A 234 16.99 19.44 12.42
C GLU A 234 16.00 19.30 13.57
N LYS A 235 14.71 19.52 13.29
CA LYS A 235 13.72 19.41 14.36
C LYS A 235 13.56 17.97 14.85
N ALA A 236 13.82 17.00 13.98
CA ALA A 236 13.81 15.61 14.41
C ALA A 236 15.04 15.24 15.23
N GLY A 237 16.02 16.13 15.33
CA GLY A 237 17.17 15.91 16.17
C GLY A 237 18.36 15.27 15.48
N PHE A 238 18.37 15.23 14.15
CA PHE A 238 19.45 14.60 13.40
C PHE A 238 20.32 15.63 12.71
N ARG A 239 21.52 15.21 12.31
CA ARG A 239 22.52 16.11 11.75
C ARG A 239 22.58 15.96 10.23
N LEU A 240 22.42 17.08 9.52
CA LEU A 240 22.69 17.10 8.10
C LEU A 240 24.14 16.73 7.83
N GLY A 241 24.35 15.87 6.84
CA GLY A 241 25.68 15.43 6.48
C GLY A 241 26.12 14.20 7.25
N GLU A 242 26.20 14.33 8.58
CA GLU A 242 26.63 13.20 9.40
C GLU A 242 25.57 12.12 9.47
N ASP A 243 24.32 12.50 9.72
CA ASP A 243 23.24 11.54 9.86
C ASP A 243 22.44 11.35 8.57
N ILE A 244 22.07 12.46 7.94
CA ILE A 244 21.14 12.46 6.82
C ILE A 244 21.77 13.25 5.69
N VAL A 245 21.66 12.73 4.46
CA VAL A 245 22.02 13.46 3.26
C VAL A 245 20.84 13.38 2.29
N PHE A 246 20.94 14.14 1.19
CA PHE A 246 19.86 14.27 0.24
C PHE A 246 20.18 13.54 -1.06
N ALA A 247 19.14 13.04 -1.72
CA ALA A 247 19.24 12.57 -3.10
C ALA A 247 18.07 13.16 -3.87
N LEU A 248 18.27 13.40 -5.17
CA LEU A 248 17.23 13.93 -6.02
C LEU A 248 17.00 13.00 -7.21
N ASP A 249 15.75 12.89 -7.63
CA ASP A 249 15.42 12.36 -8.96
C ASP A 249 14.72 13.51 -9.69
N VAL A 250 15.47 14.17 -10.56
CA VAL A 250 14.92 15.31 -11.30
C VAL A 250 13.94 14.82 -12.35
N ALA A 251 14.14 13.60 -12.87
CA ALA A 251 13.39 13.09 -14.02
C ALA A 251 13.39 14.15 -15.12
N ALA A 252 14.60 14.60 -15.49
CA ALA A 252 14.72 15.78 -16.33
C ALA A 252 14.15 15.56 -17.72
N SER A 253 13.99 14.30 -18.17
CA SER A 253 13.36 14.10 -19.46
C SER A 253 11.94 14.68 -19.48
N GLU A 254 11.30 14.75 -18.31
CA GLU A 254 9.95 15.33 -18.21
C GLU A 254 9.97 16.84 -18.30
N LEU A 255 11.13 17.46 -18.08
CA LEU A 255 11.26 18.92 -18.11
C LEU A 255 11.81 19.43 -19.42
N PHE A 256 12.31 18.53 -20.27
CA PHE A 256 13.06 18.95 -21.44
C PHE A 256 12.12 19.17 -22.62
N ASN A 257 12.27 20.31 -23.27
CA ASN A 257 11.50 20.58 -24.47
C ASN A 257 12.18 21.66 -25.30
N GLU A 258 12.42 21.38 -26.57
CA GLU A 258 12.90 22.38 -27.53
C GLU A 258 14.20 23.03 -27.04
N GLY A 259 15.18 22.20 -26.73
CA GLY A 259 16.50 22.66 -26.38
C GLY A 259 16.65 23.21 -25.00
N PHE A 260 15.61 23.18 -24.17
CA PHE A 260 15.69 23.75 -22.83
C PHE A 260 15.00 22.85 -21.81
N TYR A 261 15.49 22.93 -20.58
CA TYR A 261 14.88 22.29 -19.43
C TYR A 261 14.04 23.35 -18.71
N HIS A 262 12.76 23.07 -18.49
CA HIS A 262 11.84 24.08 -17.98
C HIS A 262 11.54 23.83 -16.52
N MET A 263 11.96 24.78 -15.68
CA MET A 263 11.67 24.74 -14.24
C MET A 263 10.52 25.73 -14.02
N TYR A 264 9.32 25.29 -14.38
CA TYR A 264 8.16 26.18 -14.35
C TYR A 264 7.94 26.76 -12.96
N SER A 265 8.19 25.97 -11.92
CA SER A 265 8.01 26.44 -10.55
C SER A 265 8.92 27.61 -10.20
N GLU A 266 10.02 27.78 -10.93
CA GLU A 266 10.96 28.87 -10.68
C GLU A 266 10.96 29.89 -11.81
N ASN A 267 10.02 29.77 -12.73
CA ASN A 267 9.86 30.71 -13.84
C ASN A 267 11.17 30.91 -14.57
N GLN A 268 11.88 29.80 -14.82
CA GLN A 268 13.19 29.86 -15.44
C GLN A 268 13.36 28.63 -16.33
N LYS A 269 14.10 28.80 -17.42
CA LYS A 269 14.49 27.64 -18.21
C LYS A 269 16.02 27.63 -18.33
N PHE A 270 16.56 26.45 -18.63
CA PHE A 270 18.00 26.22 -18.64
C PHE A 270 18.39 25.44 -19.89
N ASP A 271 19.45 25.88 -20.57
CA ASP A 271 20.05 24.90 -21.47
C ASP A 271 20.86 23.91 -20.65
N SER A 272 21.36 22.87 -21.31
CA SER A 272 22.08 21.80 -20.60
CA SER A 272 22.08 21.81 -20.61
C SER A 272 23.24 22.38 -19.80
N HIS A 273 24.03 23.27 -20.40
CA HIS A 273 25.15 23.87 -19.69
C HIS A 273 24.68 24.59 -18.44
N GLN A 274 23.62 25.39 -18.55
CA GLN A 274 23.11 26.14 -17.41
C GLN A 274 22.58 25.21 -16.32
N LEU A 275 21.99 24.10 -16.71
CA LEU A 275 21.41 23.22 -15.70
C LEU A 275 22.49 22.49 -14.92
N ILE A 276 23.62 22.18 -15.58
CA ILE A 276 24.77 21.65 -14.88
C ILE A 276 25.26 22.63 -13.82
N GLU A 277 25.40 23.91 -14.19
CA GLU A 277 25.78 24.95 -13.23
C GLU A 277 24.78 25.01 -12.08
N TYR A 278 23.50 24.87 -12.39
CA TYR A 278 22.46 24.90 -11.36
C TYR A 278 22.66 23.79 -10.35
N TYR A 279 23.00 22.57 -10.83
CA TYR A 279 23.27 21.47 -9.91
C TYR A 279 24.54 21.74 -9.10
N ALA A 280 25.58 22.26 -9.75
CA ALA A 280 26.80 22.59 -9.02
C ALA A 280 26.50 23.52 -7.85
N ASN A 281 25.66 24.53 -8.07
CA ASN A 281 25.32 25.46 -7.00
C ASN A 281 24.46 24.83 -5.93
N LEU A 282 23.53 23.94 -6.32
CA LEU A 282 22.74 23.22 -5.32
C LEU A 282 23.62 22.34 -4.43
N ILE A 283 24.56 21.62 -5.04
CA ILE A 283 25.46 20.74 -4.31
C ILE A 283 26.34 21.52 -3.35
N SER A 284 26.73 22.75 -3.70
CA SER A 284 27.53 23.55 -2.78
CA SER A 284 27.52 23.58 -2.80
C SER A 284 26.70 24.08 -1.62
N SER A 285 25.38 24.09 -1.73
CA SER A 285 24.53 24.64 -0.67
C SER A 285 23.90 23.58 0.21
N TYR A 286 23.77 22.34 -0.26
CA TYR A 286 23.07 21.27 0.43
C TYR A 286 23.84 19.98 0.28
N PRO A 287 23.77 19.07 1.27
CA PRO A 287 24.49 17.79 1.16
C PRO A 287 23.77 16.80 0.26
N ILE A 288 23.70 17.17 -1.02
CA ILE A 288 23.15 16.29 -2.06
C ILE A 288 24.26 15.34 -2.49
N VAL A 289 24.04 14.05 -2.29
CA VAL A 289 25.05 13.05 -2.64
C VAL A 289 24.69 12.29 -3.90
N SER A 290 23.50 12.49 -4.46
CA SER A 290 23.09 11.74 -5.64
C SER A 290 22.07 12.54 -6.42
N ILE A 291 22.26 12.63 -7.74
CA ILE A 291 21.28 13.22 -8.64
C ILE A 291 20.93 12.18 -9.70
N GLU A 292 19.66 11.85 -9.78
CA GLU A 292 19.15 10.89 -10.76
C GLU A 292 18.49 11.64 -11.90
N ASP A 293 18.79 11.20 -13.13
CA ASP A 293 18.23 11.79 -14.36
C ASP A 293 18.25 13.32 -14.30
N GLY A 294 19.43 13.87 -14.01
CA GLY A 294 19.59 15.32 -14.04
C GLY A 294 19.44 15.93 -15.41
N LEU A 295 19.59 15.12 -16.46
CA LEU A 295 19.46 15.59 -17.83
C LEU A 295 18.59 14.62 -18.61
N ASP A 296 18.14 15.08 -19.77
CA ASP A 296 17.24 14.31 -20.63
C ASP A 296 17.89 13.00 -21.07
N GLU A 297 17.03 12.00 -21.32
CA GLU A 297 17.49 10.69 -21.74
C GLU A 297 18.26 10.71 -23.06
N LYS A 298 18.05 11.73 -23.90
CA LYS A 298 18.76 11.83 -25.18
C LYS A 298 19.90 12.85 -25.15
N ASP A 299 20.13 13.50 -24.01
CA ASP A 299 21.12 14.58 -23.92
C ASP A 299 22.48 13.97 -23.61
N TRP A 300 22.99 13.23 -24.60
CA TRP A 300 24.25 12.47 -24.48
CA TRP A 300 24.18 12.47 -24.27
C TRP A 300 25.41 13.38 -24.12
N SER A 301 25.47 14.52 -24.80
CA SER A 301 26.61 15.41 -24.59
C SER A 301 26.49 16.08 -23.22
N GLY A 302 25.28 16.47 -22.82
CA GLY A 302 25.10 17.02 -21.49
C GLY A 302 25.47 16.04 -20.40
N TRP A 303 25.07 14.78 -20.55
CA TRP A 303 25.41 13.76 -19.55
C TRP A 303 26.92 13.59 -19.43
N LYS A 304 27.63 13.60 -20.55
CA LYS A 304 29.08 13.52 -20.50
C LYS A 304 29.67 14.71 -19.75
N GLN A 305 29.21 15.93 -20.07
CA GLN A 305 29.69 17.12 -19.38
C GLN A 305 29.36 17.08 -17.91
N LEU A 306 28.15 16.67 -17.58
CA LEU A 306 27.75 16.55 -16.17
C LEU A 306 28.65 15.57 -15.44
N THR A 307 28.98 14.46 -16.09
CA THR A 307 29.78 13.42 -15.44
C THR A 307 31.22 13.90 -15.26
N THR A 308 31.78 14.52 -16.29
CA THR A 308 33.12 15.10 -16.18
C THR A 308 33.17 16.16 -15.09
N HIS A 309 32.17 17.06 -15.06
CA HIS A 309 32.25 18.22 -14.18
C HIS A 309 31.91 17.89 -12.73
N LEU A 310 30.93 17.03 -12.50
CA LEU A 310 30.44 16.77 -11.13
C LEU A 310 30.52 15.31 -10.70
N GLY A 311 30.90 14.39 -11.58
CA GLY A 311 30.87 12.98 -11.23
C GLY A 311 31.79 12.59 -10.09
N ASN A 312 32.87 13.35 -9.88
CA ASN A 312 33.72 13.08 -8.72
C ASN A 312 33.17 13.66 -7.43
N LYS A 313 32.12 14.48 -7.52
CA LYS A 313 31.53 15.13 -6.36
C LYS A 313 30.22 14.49 -5.93
N VAL A 314 29.55 13.76 -6.81
CA VAL A 314 28.18 13.34 -6.57
C VAL A 314 27.91 12.09 -7.39
N GLN A 315 27.07 11.21 -6.87
CA GLN A 315 26.58 10.10 -7.66
C GLN A 315 25.61 10.62 -8.72
N LEU A 316 25.75 10.10 -9.94
CA LEU A 316 24.93 10.51 -11.08
C LEU A 316 24.22 9.27 -11.60
N VAL A 317 22.92 9.16 -11.35
CA VAL A 317 22.18 7.92 -11.60
C VAL A 317 21.45 8.03 -12.94
N GLY A 318 21.74 7.13 -13.87
CA GLY A 318 20.95 7.04 -15.08
C GLY A 318 19.72 6.16 -14.83
N ASP A 319 18.54 6.71 -15.11
CA ASP A 319 17.31 5.94 -15.02
C ASP A 319 16.74 5.79 -16.43
N ASP A 320 16.01 6.79 -16.91
CA ASP A 320 15.55 6.74 -18.30
C ASP A 320 16.72 6.72 -19.27
N LEU A 321 17.88 7.19 -18.81
CA LEU A 321 19.08 7.16 -19.64
C LEU A 321 19.44 5.75 -20.07
N PHE A 322 19.28 4.78 -19.16
CA PHE A 322 19.72 3.41 -19.38
C PHE A 322 18.60 2.39 -19.47
N VAL A 323 17.42 2.70 -18.93
CA VAL A 323 16.27 1.81 -18.79
C VAL A 323 16.67 0.36 -18.50
N THR A 324 17.57 0.17 -17.53
CA THR A 324 17.97 -1.15 -17.04
C THR A 324 18.33 -2.08 -18.20
N ASN A 325 18.93 -1.51 -19.23
CA ASN A 325 19.14 -2.23 -20.48
C ASN A 325 20.63 -2.43 -20.71
N PRO A 326 21.12 -3.68 -20.69
CA PRO A 326 22.58 -3.88 -20.79
C PRO A 326 23.20 -3.28 -22.03
N LYS A 327 22.52 -3.33 -23.18
CA LYS A 327 23.10 -2.79 -24.41
C LYS A 327 23.26 -1.28 -24.32
N ILE A 328 22.29 -0.59 -23.71
CA ILE A 328 22.37 0.85 -23.56
C ILE A 328 23.38 1.23 -22.48
N LEU A 329 23.40 0.49 -21.38
CA LEU A 329 24.39 0.79 -20.35
C LEU A 329 25.81 0.59 -20.87
N ARG A 330 26.02 -0.47 -21.66
CA ARG A 330 27.34 -0.72 -22.23
C ARG A 330 27.80 0.47 -23.06
N GLU A 331 26.89 1.06 -23.83
CA GLU A 331 27.26 2.24 -24.62
C GLU A 331 27.54 3.44 -23.71
N GLY A 332 26.73 3.62 -22.66
CA GLY A 332 26.96 4.71 -21.74
C GLY A 332 28.29 4.60 -21.02
N ILE A 333 28.65 3.39 -20.58
CA ILE A 333 29.96 3.17 -19.98
C ILE A 333 31.07 3.55 -20.96
N ALA A 334 30.94 3.11 -22.22
CA ALA A 334 31.97 3.40 -23.20
C ALA A 334 32.13 4.90 -23.44
N GLN A 335 31.04 5.66 -23.33
CA GLN A 335 31.11 7.10 -23.51
C GLN A 335 31.44 7.84 -22.22
N GLY A 336 31.55 7.14 -21.09
CA GLY A 336 31.87 7.79 -19.84
C GLY A 336 30.73 8.62 -19.26
N ILE A 337 29.50 8.16 -19.38
CA ILE A 337 28.32 8.90 -18.96
CA ILE A 337 28.35 8.93 -18.92
C ILE A 337 27.75 8.26 -17.70
N ALA A 338 27.45 9.08 -16.69
CA ALA A 338 26.90 8.68 -15.40
C ALA A 338 27.90 7.85 -14.60
N ASN A 339 27.55 7.50 -13.36
CA ASN A 339 28.38 6.59 -12.59
C ASN A 339 27.53 5.65 -11.73
N ALA A 340 26.24 5.57 -12.02
CA ALA A 340 25.34 4.65 -11.34
C ALA A 340 24.16 4.43 -12.25
N ILE A 341 23.42 3.35 -11.97
CA ILE A 341 22.26 3.00 -12.77
C ILE A 341 21.12 2.65 -11.83
N LEU A 342 19.93 3.14 -12.15
CA LEU A 342 18.73 2.76 -11.43
C LEU A 342 18.21 1.45 -12.02
N ILE A 343 18.02 0.44 -11.16
CA ILE A 343 17.67 -0.90 -11.61
C ILE A 343 16.17 -1.09 -11.43
N LYS A 344 15.45 -1.17 -12.56
CA LYS A 344 14.01 -1.41 -12.59
C LYS A 344 13.74 -2.66 -13.42
N VAL A 345 13.33 -3.73 -12.77
CA VAL A 345 13.15 -5.00 -13.47
C VAL A 345 12.19 -4.85 -14.65
N ASN A 346 11.15 -4.01 -14.51
CA ASN A 346 10.17 -4.00 -15.60
C ASN A 346 10.56 -3.05 -16.74
N GLN A 347 11.69 -2.35 -16.64
CA GLN A 347 12.23 -1.62 -17.78
C GLN A 347 12.88 -2.53 -18.81
N ILE A 348 13.27 -3.75 -18.41
CA ILE A 348 13.94 -4.68 -19.30
C ILE A 348 13.17 -5.99 -19.46
N GLY A 349 12.54 -6.49 -18.40
CA GLY A 349 11.54 -7.53 -18.55
C GLY A 349 11.90 -8.92 -18.05
N THR A 350 13.15 -9.21 -17.73
CA THR A 350 13.49 -10.49 -17.14
C THR A 350 14.44 -10.28 -15.98
N LEU A 351 14.41 -11.20 -15.03
CA LEU A 351 15.42 -11.19 -13.97
C LEU A 351 16.83 -11.37 -14.55
N SER A 352 16.97 -12.21 -15.58
CA SER A 352 18.30 -12.48 -16.11
C SER A 352 18.90 -11.25 -16.78
N GLU A 353 18.09 -10.50 -17.54
CA GLU A 353 18.61 -9.30 -18.17
C GLU A 353 18.89 -8.21 -17.13
N THR A 354 18.06 -8.15 -16.09
CA THR A 354 18.36 -7.28 -14.96
C THR A 354 19.71 -7.61 -14.35
N ARG A 355 19.98 -8.90 -14.12
CA ARG A 355 21.26 -9.31 -13.56
C ARG A 355 22.42 -8.95 -14.49
N GLN A 356 22.20 -9.05 -15.81
CA GLN A 356 23.25 -8.65 -16.76
C GLN A 356 23.61 -7.18 -16.60
N ALA A 357 22.60 -6.33 -16.39
CA ALA A 357 22.84 -4.90 -16.21
C ALA A 357 23.60 -4.62 -14.92
N ILE A 358 23.20 -5.28 -13.83
CA ILE A 358 23.89 -5.13 -12.55
C ILE A 358 25.36 -5.53 -12.68
N LYS A 359 25.61 -6.70 -13.27
CA LYS A 359 26.99 -7.18 -13.38
C LYS A 359 27.82 -6.26 -14.26
N LEU A 360 27.23 -5.76 -15.36
CA LEU A 360 27.94 -4.82 -16.23
C LEU A 360 28.28 -3.54 -15.47
N ALA A 361 27.34 -3.04 -14.66
CA ALA A 361 27.63 -1.87 -13.83
C ALA A 361 28.75 -2.17 -12.84
N TYR A 362 28.63 -3.26 -12.09
CA TYR A 362 29.66 -3.63 -11.12
C TYR A 362 31.03 -3.77 -11.79
N ASP A 363 31.07 -4.46 -12.94
CA ASP A 363 32.35 -4.72 -13.59
C ASP A 363 33.03 -3.44 -14.05
N ASN A 364 32.30 -2.33 -14.13
CA ASN A 364 32.85 -1.08 -14.61
C ASN A 364 32.80 0.02 -13.55
N GLY A 365 32.61 -0.35 -12.29
CA GLY A 365 32.66 0.62 -11.22
C GLY A 365 31.47 1.53 -11.09
N TYR A 366 30.35 1.20 -11.73
CA TYR A 366 29.11 1.93 -11.54
C TYR A 366 28.36 1.34 -10.36
N ARG A 367 27.71 2.19 -9.59
CA ARG A 367 26.83 1.69 -8.53
C ARG A 367 25.45 1.39 -9.10
N CYS A 368 24.70 0.57 -8.37
CA CYS A 368 23.32 0.24 -8.71
C CYS A 368 22.41 0.67 -7.57
N VAL A 369 21.28 1.25 -7.92
CA VAL A 369 20.24 1.63 -6.98
C VAL A 369 19.00 0.81 -7.35
N MET A 370 18.61 -0.10 -6.47
CA MET A 370 17.44 -0.95 -6.74
C MET A 370 16.18 -0.13 -6.55
N SER A 371 15.25 -0.19 -7.51
CA SER A 371 14.16 0.79 -7.51
C SER A 371 12.78 0.19 -7.71
N HIS A 372 11.80 0.80 -7.04
CA HIS A 372 10.38 0.60 -7.29
C HIS A 372 9.95 1.34 -8.57
N ARG A 373 8.67 1.21 -8.93
CA ARG A 373 8.00 2.14 -9.84
C ARG A 373 6.99 2.95 -9.03
N SER A 374 6.54 4.06 -9.60
CA SER A 374 5.54 4.87 -8.91
C SER A 374 4.20 4.14 -8.80
N GLY A 375 3.93 3.22 -9.73
CA GLY A 375 2.78 2.34 -9.64
C GLY A 375 3.24 1.00 -9.11
N GLU A 376 3.05 0.76 -7.82
CA GLU A 376 3.59 -0.43 -7.19
C GLU A 376 2.48 -1.46 -6.94
N THR A 377 2.90 -2.63 -6.47
CA THR A 377 1.96 -3.65 -5.98
C THR A 377 2.41 -4.11 -4.61
N GLU A 378 1.67 -5.08 -4.05
CA GLU A 378 2.07 -5.68 -2.79
C GLU A 378 3.34 -6.53 -2.92
N ASP A 379 3.87 -6.74 -4.12
CA ASP A 379 5.06 -7.56 -4.32
C ASP A 379 6.30 -6.87 -3.76
N THR A 380 7.08 -7.60 -2.97
CA THR A 380 8.28 -7.03 -2.33
C THR A 380 9.57 -7.57 -2.93
N PHE A 381 9.53 -8.07 -4.18
CA PHE A 381 10.73 -8.65 -4.80
C PHE A 381 11.94 -7.74 -4.72
N ILE A 382 11.78 -6.43 -4.90
CA ILE A 382 12.97 -5.59 -4.96
C ILE A 382 13.69 -5.50 -3.62
N ALA A 383 13.00 -5.76 -2.51
CA ALA A 383 13.69 -5.83 -1.22
C ALA A 383 14.69 -6.98 -1.20
N ASP A 384 14.23 -8.19 -1.55
CA ASP A 384 15.14 -9.33 -1.62
C ASP A 384 16.22 -9.13 -2.67
N LEU A 385 15.87 -8.55 -3.82
CA LEU A 385 16.88 -8.36 -4.86
C LEU A 385 17.90 -7.30 -4.46
N ALA A 386 17.47 -6.25 -3.75
CA ALA A 386 18.43 -5.25 -3.28
C ALA A 386 19.45 -5.88 -2.36
N VAL A 387 19.00 -6.70 -1.40
CA VAL A 387 19.92 -7.35 -0.48
C VAL A 387 20.81 -8.35 -1.23
N ALA A 388 20.19 -9.21 -2.03
CA ALA A 388 20.94 -10.27 -2.71
C ALA A 388 22.01 -9.70 -3.63
N SER A 389 21.72 -8.57 -4.28
CA SER A 389 22.69 -7.98 -5.20
C SER A 389 23.85 -7.30 -4.49
N GLY A 390 23.70 -7.00 -3.21
CA GLY A 390 24.71 -6.22 -2.53
C GLY A 390 24.87 -4.82 -3.07
N CYS A 391 23.85 -4.27 -3.73
CA CYS A 391 24.01 -2.95 -4.36
C CYS A 391 24.11 -1.83 -3.33
N GLY A 392 23.59 -2.04 -2.13
CA GLY A 392 23.79 -1.11 -1.03
C GLY A 392 22.89 0.10 -1.02
N GLN A 393 22.02 0.26 -2.01
CA GLN A 393 21.11 1.41 -2.09
C GLN A 393 19.78 0.94 -2.64
N ILE A 394 18.70 1.37 -2.01
CA ILE A 394 17.37 1.04 -2.49
C ILE A 394 16.55 2.32 -2.52
N LYS A 395 15.69 2.43 -3.53
CA LYS A 395 14.77 3.55 -3.68
C LYS A 395 13.38 2.92 -3.75
N THR A 396 12.62 3.00 -2.66
CA THR A 396 11.33 2.33 -2.66
C THR A 396 10.24 3.13 -1.93
N GLY A 397 10.41 4.44 -1.77
CA GLY A 397 9.29 5.31 -1.48
C GLY A 397 9.42 6.06 -0.17
N SER A 398 8.38 6.84 0.11
CA SER A 398 8.28 7.54 1.37
C SER A 398 7.94 6.54 2.47
N LEU A 399 7.63 7.04 3.67
CA LEU A 399 7.35 6.18 4.81
C LEU A 399 5.85 6.04 5.06
N CYS A 400 5.02 6.28 4.05
CA CYS A 400 3.62 5.89 4.14
C CYS A 400 3.22 5.28 2.81
N ARG A 401 2.04 4.65 2.81
CA ARG A 401 1.49 3.83 1.73
C ARG A 401 2.13 2.45 1.75
N THR A 402 1.32 1.41 1.90
CA THR A 402 1.87 0.07 1.99
C THR A 402 2.54 -0.36 0.69
N ASP A 403 2.22 0.29 -0.43
CA ASP A 403 3.00 0.03 -1.65
C ASP A 403 4.49 0.33 -1.43
N ARG A 404 4.81 1.20 -0.48
CA ARG A 404 6.19 1.49 -0.08
C ARG A 404 6.57 0.77 1.21
N THR A 405 5.75 0.87 2.27
CA THR A 405 6.17 0.31 3.55
C THR A 405 6.30 -1.21 3.50
N ALA A 406 5.57 -1.89 2.60
CA ALA A 406 5.72 -3.34 2.52
C ALA A 406 7.15 -3.74 2.15
N LYS A 407 7.83 -2.91 1.34
CA LYS A 407 9.22 -3.21 1.00
C LYS A 407 10.13 -2.98 2.20
N TYR A 408 9.93 -1.88 2.92
CA TYR A 408 10.70 -1.65 4.14
C TYR A 408 10.46 -2.76 5.14
N ASN A 409 9.21 -3.22 5.26
CA ASN A 409 8.91 -4.31 6.18
C ASN A 409 9.62 -5.59 5.78
N GLN A 410 9.69 -5.86 4.48
CA GLN A 410 10.39 -7.06 4.03
C GLN A 410 11.89 -6.96 4.33
N LEU A 411 12.45 -5.75 4.21
CA LEU A 411 13.85 -5.58 4.61
C LEU A 411 14.04 -5.80 6.11
N LEU A 412 13.05 -5.39 6.92
CA LEU A 412 13.12 -5.70 8.35
C LEU A 412 13.10 -7.21 8.58
N ARG A 413 12.31 -7.94 7.79
CA ARG A 413 12.23 -9.40 7.95
C ARG A 413 13.53 -10.07 7.54
N ILE A 414 14.08 -9.67 6.39
CA ILE A 414 15.39 -10.18 5.97
C ILE A 414 16.45 -9.90 7.04
N ASN A 415 16.43 -8.69 7.60
CA ASN A 415 17.45 -8.28 8.56
C ASN A 415 17.46 -9.16 9.81
N GLU A 416 16.34 -9.81 10.13
CA GLU A 416 16.25 -10.57 11.38
C GLU A 416 17.27 -11.70 11.44
N LEU A 417 17.33 -12.53 10.40
CA LEU A 417 18.23 -13.68 10.43
C LEU A 417 19.35 -13.60 9.38
N ALA A 418 19.49 -12.47 8.69
CA ALA A 418 20.50 -12.41 7.64
C ALA A 418 21.91 -12.22 8.19
N SER A 419 22.04 -11.57 9.35
CA SER A 419 23.34 -11.25 9.94
C SER A 419 24.24 -10.51 8.94
N LEU A 420 23.71 -9.43 8.38
CA LEU A 420 24.40 -8.70 7.33
C LEU A 420 24.72 -7.28 7.81
N PRO A 421 25.80 -6.67 7.29
CA PRO A 421 26.08 -5.28 7.64
C PRO A 421 25.13 -4.33 6.93
N TYR A 422 25.01 -3.13 7.49
CA TYR A 422 24.28 -2.04 6.86
C TYR A 422 25.25 -1.24 6.01
N ALA A 423 24.84 -0.92 4.78
CA ALA A 423 25.77 -0.34 3.81
C ALA A 423 26.34 0.98 4.30
N GLY A 424 25.50 1.80 4.95
CA GLY A 424 25.98 2.98 5.64
C GLY A 424 26.72 3.93 4.72
N LYS A 425 27.72 4.61 5.29
CA LYS A 425 28.48 5.58 4.53
C LYS A 425 29.36 4.93 3.47
N ASN A 426 29.51 3.59 3.51
CA ASN A 426 30.32 2.90 2.51
C ASN A 426 29.79 3.11 1.10
N ILE A 427 28.52 3.48 0.96
CA ILE A 427 27.99 3.77 -0.37
C ILE A 427 28.62 5.02 -0.99
N LEU A 428 29.36 5.82 -0.21
CA LEU A 428 30.01 7.02 -0.71
C LEU A 428 31.40 6.79 -1.27
N LYS A 429 31.96 5.60 -1.12
CA LYS A 429 33.35 5.34 -1.44
C LYS A 429 33.59 5.22 -2.95
N HIS B 5 -1.55 -36.81 10.84
CA HIS B 5 -1.59 -36.81 12.30
C HIS B 5 -1.97 -35.43 12.84
N HIS B 6 -2.84 -35.39 13.85
CA HIS B 6 -3.33 -34.11 14.35
C HIS B 6 -2.31 -33.36 15.21
N HIS B 7 -1.25 -34.03 15.68
CA HIS B 7 -0.14 -33.31 16.32
C HIS B 7 0.61 -32.42 15.35
N HIS B 8 0.29 -32.48 14.06
CA HIS B 8 0.90 -31.60 13.08
C HIS B 8 0.35 -30.18 13.12
N MET B 9 -0.67 -29.92 13.94
CA MET B 9 -1.18 -28.58 14.15
C MET B 9 -0.65 -27.96 15.44
N HIS B 10 0.28 -28.61 16.11
CA HIS B 10 0.79 -28.12 17.38
C HIS B 10 1.80 -27.00 17.16
N ILE B 11 1.77 -26.03 18.07
CA ILE B 11 2.59 -24.83 17.94
C ILE B 11 3.99 -25.13 18.46
N HIS B 12 5.00 -24.79 17.66
CA HIS B 12 6.37 -24.91 18.11
C HIS B 12 6.88 -23.60 18.73
N LYS B 13 6.53 -22.46 18.13
CA LYS B 13 7.09 -21.19 18.52
C LYS B 13 6.18 -20.07 18.02
N ILE B 14 6.06 -19.01 18.80
CA ILE B 14 5.41 -17.78 18.37
C ILE B 14 6.39 -16.63 18.58
N GLN B 15 6.51 -15.77 17.58
CA GLN B 15 7.41 -14.63 17.66
C GLN B 15 6.72 -13.44 16.99
N ALA B 16 7.23 -12.25 17.28
CA ALA B 16 6.65 -11.05 16.70
C ALA B 16 7.76 -10.09 16.28
N ARG B 17 7.36 -9.07 15.53
CA ARG B 17 8.29 -8.05 15.09
C ARG B 17 7.50 -6.77 14.91
N GLU B 18 8.23 -5.66 14.92
CA GLU B 18 7.67 -4.34 14.66
C GLU B 18 7.81 -4.05 13.18
N ILE B 19 6.71 -3.67 12.53
CA ILE B 19 6.71 -3.27 11.14
C ILE B 19 6.05 -1.90 11.03
N LEU B 20 6.07 -1.31 9.84
CA LEU B 20 5.40 -0.03 9.61
C LEU B 20 4.00 -0.25 9.02
N ASP B 21 3.01 0.49 9.57
CA ASP B 21 1.68 0.53 8.95
C ASP B 21 1.67 1.56 7.83
N SER B 22 0.50 1.73 7.20
CA SER B 22 0.39 2.51 5.96
C SER B 22 0.45 4.01 6.19
N ARG B 23 0.41 4.47 7.45
CA ARG B 23 0.64 5.87 7.78
C ARG B 23 2.07 6.11 8.24
N GLY B 24 2.90 5.07 8.29
CA GLY B 24 4.25 5.23 8.81
C GLY B 24 4.34 5.11 10.30
N ASN B 25 3.39 4.44 10.95
CA ASN B 25 3.55 4.24 12.38
C ASN B 25 3.80 2.77 12.65
N PRO B 26 4.57 2.44 13.70
CA PRO B 26 4.84 1.03 14.00
C PRO B 26 3.56 0.27 14.28
N THR B 27 3.55 -0.99 13.89
CA THR B 27 2.53 -1.93 14.36
C THR B 27 3.19 -3.30 14.46
N ILE B 28 2.43 -4.31 14.87
CA ILE B 28 3.00 -5.61 15.24
C ILE B 28 2.59 -6.65 14.22
N GLU B 29 3.51 -7.57 13.94
CA GLU B 29 3.32 -8.73 13.09
C GLU B 29 3.80 -9.96 13.85
N ALA B 30 3.02 -11.03 13.80
CA ALA B 30 3.35 -12.26 14.51
C ALA B 30 3.51 -13.42 13.54
N ASP B 31 4.47 -14.31 13.85
CA ASP B 31 4.71 -15.56 13.14
C ASP B 31 4.43 -16.70 14.10
N VAL B 32 3.52 -17.59 13.72
CA VAL B 32 3.25 -18.81 14.48
C VAL B 32 3.86 -19.98 13.70
N THR B 33 4.87 -20.63 14.27
CA THR B 33 5.54 -21.76 13.62
C THR B 33 5.03 -23.06 14.24
N LEU B 34 4.49 -23.94 13.42
CA LEU B 34 4.04 -25.25 13.88
C LEU B 34 5.21 -26.24 13.88
N THR B 35 4.98 -27.40 14.51
CA THR B 35 6.05 -28.41 14.60
C THR B 35 6.43 -28.97 13.24
N THR B 36 5.57 -28.82 12.23
CA THR B 36 5.91 -29.20 10.87
C THR B 36 6.77 -28.17 10.15
N GLY B 37 7.02 -27.02 10.78
CA GLY B 37 7.70 -25.93 10.12
C GLY B 37 6.79 -24.97 9.38
N ILE B 38 5.49 -25.28 9.26
CA ILE B 38 4.55 -24.34 8.67
C ILE B 38 4.50 -23.09 9.54
N ILE B 39 4.45 -21.92 8.89
CA ILE B 39 4.45 -20.63 9.58
C ILE B 39 3.20 -19.87 9.15
N GLY B 40 2.37 -19.50 10.12
CA GLY B 40 1.29 -18.54 9.90
C GLY B 40 1.73 -17.15 10.32
N ARG B 41 1.43 -16.16 9.47
CA ARG B 41 1.83 -14.78 9.72
C ARG B 41 0.61 -13.86 9.63
N ALA B 42 0.56 -12.86 10.51
CA ALA B 42 -0.47 -11.86 10.47
C ALA B 42 0.03 -10.57 11.10
N SER B 43 -0.43 -9.43 10.58
CA SER B 43 -0.13 -8.13 11.14
C SER B 43 -1.42 -7.38 11.47
N VAL B 44 -1.28 -6.35 12.30
CA VAL B 44 -2.41 -5.73 12.99
C VAL B 44 -2.58 -4.29 12.50
N PRO B 45 -3.79 -3.87 12.08
CA PRO B 45 -4.00 -2.49 11.66
C PRO B 45 -4.18 -1.56 12.86
N SER B 46 -4.33 -0.26 12.59
CA SER B 46 -4.39 0.75 13.65
C SER B 46 -5.28 1.90 13.23
N GLY B 47 -6.24 2.28 14.09
CA GLY B 47 -7.14 3.36 13.74
C GLY B 47 -6.63 4.75 14.11
N ALA B 48 -7.25 5.76 13.48
CA ALA B 48 -7.07 7.15 13.88
C ALA B 48 -8.26 7.64 14.71
N SER B 49 -9.45 7.52 14.14
CA SER B 49 -10.67 7.92 14.85
C SER B 49 -11.15 6.70 15.63
N THR B 50 -10.46 6.44 16.75
CA THR B 50 -10.74 5.24 17.55
C THR B 50 -11.86 5.53 18.55
N GLY B 51 -12.73 4.54 18.74
CA GLY B 51 -13.75 4.67 19.77
C GLY B 51 -13.14 4.57 21.16
N SER B 52 -13.80 5.21 22.13
CA SER B 52 -13.24 5.24 23.47
C SER B 52 -13.24 3.86 24.13
N ARG B 53 -14.06 2.92 23.66
CA ARG B 53 -14.15 1.61 24.28
C ARG B 53 -13.47 0.52 23.45
N GLU B 54 -12.64 0.88 22.47
CA GLU B 54 -11.87 -0.13 21.76
C GLU B 54 -10.90 -0.82 22.72
N ALA B 55 -10.57 -2.07 22.40
CA ALA B 55 -9.58 -2.79 23.19
C ALA B 55 -8.23 -2.10 23.10
N CYS B 56 -7.40 -2.30 24.13
CA CYS B 56 -6.17 -1.55 24.27
C CYS B 56 -5.19 -1.82 23.13
N GLU B 57 -4.84 -0.78 22.39
CA GLU B 57 -3.70 -0.81 21.47
C GLU B 57 -2.45 -0.39 22.26
N LEU B 58 -1.60 -1.36 22.56
CA LEU B 58 -0.49 -1.12 23.46
C LEU B 58 0.67 -0.47 22.72
N ARG B 59 1.03 0.75 23.12
CA ARG B 59 2.19 1.43 22.55
C ARG B 59 3.22 1.70 23.64
N ASP B 60 4.46 1.92 23.20
CA ASP B 60 5.58 2.04 24.13
C ASP B 60 5.64 3.38 24.83
N ASN B 61 5.19 4.46 24.16
CA ASN B 61 5.29 5.83 24.69
C ASN B 61 6.74 6.21 25.01
N ASP B 62 7.67 5.77 24.17
CA ASP B 62 9.06 6.20 24.30
C ASP B 62 9.26 7.37 23.36
N PRO B 63 9.46 8.59 23.86
CA PRO B 63 9.55 9.75 22.94
C PRO B 63 10.73 9.67 21.99
N LYS B 64 11.77 8.94 22.34
CA LYS B 64 12.94 8.80 21.47
C LYS B 64 12.75 7.78 20.35
N ARG B 65 11.63 7.06 20.31
CA ARG B 65 11.37 6.07 19.27
C ARG B 65 10.01 6.32 18.66
N TYR B 66 9.99 6.72 17.39
CA TYR B 66 8.76 6.82 16.61
C TYR B 66 7.74 7.72 17.31
N ALA B 67 8.24 8.76 17.98
CA ALA B 67 7.39 9.75 18.65
C ALA B 67 6.41 9.07 19.59
N GLY B 68 6.90 8.06 20.31
CA GLY B 68 6.09 7.35 21.29
C GLY B 68 5.24 6.22 20.76
N LYS B 69 5.31 5.92 19.46
CA LYS B 69 4.39 4.94 18.89
C LYS B 69 5.03 3.57 18.64
N GLY B 70 6.22 3.30 19.17
CA GLY B 70 6.78 1.97 19.08
C GLY B 70 5.86 0.93 19.69
N VAL B 71 5.99 -0.33 19.25
CA VAL B 71 5.20 -1.41 19.83
C VAL B 71 6.11 -2.56 20.29
N GLN B 72 7.29 -2.22 20.81
CA GLN B 72 8.20 -3.25 21.29
CA GLN B 72 8.22 -3.23 21.31
C GLN B 72 7.67 -3.96 22.52
N LYS B 73 6.87 -3.27 23.34
CA LYS B 73 6.29 -3.95 24.51
C LYS B 73 5.33 -5.04 24.07
N ALA B 74 4.46 -4.74 23.10
CA ALA B 74 3.55 -5.75 22.57
C ALA B 74 4.33 -6.89 21.93
N VAL B 75 5.41 -6.57 21.22
CA VAL B 75 6.22 -7.60 20.59
C VAL B 75 6.82 -8.51 21.66
N LYS B 76 7.29 -7.92 22.76
CA LYS B 76 7.87 -8.71 23.84
C LYS B 76 6.82 -9.63 24.46
N HIS B 77 5.58 -9.15 24.59
CA HIS B 77 4.52 -10.02 25.12
C HIS B 77 4.26 -11.21 24.22
N VAL B 78 4.36 -11.04 22.90
CA VAL B 78 4.21 -12.18 22.01
C VAL B 78 5.37 -13.14 22.20
N ASN B 79 6.61 -12.61 22.18
CA ASN B 79 7.79 -13.47 22.24
C ASN B 79 7.87 -14.25 23.54
N ASN B 80 7.33 -13.71 24.64
CA ASN B 80 7.54 -14.28 25.96
C ASN B 80 6.25 -14.90 26.46
N GLU B 81 5.35 -14.12 27.05
CA GLU B 81 4.18 -14.69 27.73
C GLU B 81 3.33 -15.53 26.77
N ILE B 82 3.07 -15.00 25.58
CA ILE B 82 2.17 -15.67 24.65
C ILE B 82 2.80 -16.93 24.08
N ASN B 83 4.05 -16.84 23.61
CA ASN B 83 4.74 -18.01 23.11
C ASN B 83 4.75 -19.13 24.14
N GLN B 84 5.08 -18.80 25.39
CA GLN B 84 5.17 -19.82 26.42
C GLN B 84 3.80 -20.39 26.76
N ALA B 85 2.74 -19.58 26.66
CA ALA B 85 1.41 -20.07 27.01
C ALA B 85 0.86 -21.01 25.95
N LEU B 86 1.24 -20.82 24.68
CA LEU B 86 0.64 -21.53 23.56
C LEU B 86 1.51 -22.65 22.99
N GLN B 87 2.80 -22.71 23.32
CA GLN B 87 3.62 -23.76 22.73
C GLN B 87 3.07 -25.13 23.12
N GLY B 88 3.06 -26.03 22.13
CA GLY B 88 2.49 -27.36 22.30
C GLY B 88 1.00 -27.45 22.10
N LEU B 89 0.31 -26.33 21.95
CA LEU B 89 -1.14 -26.35 21.78
C LEU B 89 -1.48 -26.36 20.29
N SER B 90 -2.66 -26.88 19.97
CA SER B 90 -3.08 -27.01 18.58
C SER B 90 -3.75 -25.73 18.08
N VAL B 91 -3.38 -25.31 16.86
CA VAL B 91 -4.10 -24.21 16.24
C VAL B 91 -5.42 -24.65 15.63
N GLU B 92 -5.74 -25.94 15.69
CA GLU B 92 -6.96 -26.39 15.03
C GLU B 92 -8.19 -25.80 15.70
N ASP B 93 -8.13 -25.52 17.00
CA ASP B 93 -9.28 -25.04 17.78
C ASP B 93 -9.12 -23.55 18.07
N GLN B 94 -9.64 -22.72 17.16
CA GLN B 94 -9.47 -21.27 17.29
C GLN B 94 -10.09 -20.74 18.58
N GLU B 95 -11.25 -21.26 18.96
CA GLU B 95 -11.91 -20.77 20.18
C GLU B 95 -11.06 -21.02 21.41
N ASN B 96 -10.40 -22.18 21.48
CA ASN B 96 -9.59 -22.49 22.65
C ASN B 96 -8.36 -21.60 22.74
N LEU B 97 -7.67 -21.40 21.62
CA LEU B 97 -6.49 -20.54 21.63
C LEU B 97 -6.87 -19.11 22.03
N ASP B 98 -7.96 -18.59 21.47
CA ASP B 98 -8.39 -17.23 21.82
C ASP B 98 -8.79 -17.16 23.29
N ARG B 99 -9.43 -18.20 23.82
CA ARG B 99 -9.78 -18.24 25.24
CA ARG B 99 -9.78 -18.22 25.23
C ARG B 99 -8.53 -18.15 26.10
N ILE B 100 -7.51 -18.93 25.76
CA ILE B 100 -6.26 -18.93 26.54
C ILE B 100 -5.60 -17.56 26.47
N LEU B 101 -5.61 -16.92 25.30
CA LEU B 101 -5.00 -15.59 25.18
C LEU B 101 -5.72 -14.58 26.07
N CYS B 102 -7.06 -14.58 26.04
CA CYS B 102 -7.80 -13.63 26.88
C CYS B 102 -7.58 -13.92 28.36
N GLN B 103 -7.54 -15.21 28.73
CA GLN B 103 -7.33 -15.54 30.13
C GLN B 103 -5.92 -15.19 30.57
N LEU B 104 -4.94 -15.34 29.69
CA LEU B 104 -3.57 -14.94 30.00
C LEU B 104 -3.48 -13.45 30.30
N ASP B 105 -4.11 -12.62 29.46
CA ASP B 105 -4.10 -11.18 29.69
C ASP B 105 -4.90 -10.82 30.94
N ASN B 106 -6.05 -11.46 31.14
CA ASN B 106 -6.85 -11.34 32.37
C ASN B 106 -7.27 -9.91 32.69
N THR B 107 -7.49 -9.08 31.66
CA THR B 107 -8.08 -7.76 31.85
C THR B 107 -9.24 -7.59 30.88
N GLU B 108 -10.18 -6.72 31.25
CA GLU B 108 -11.38 -6.53 30.46
C GLU B 108 -11.06 -6.01 29.06
N ASN B 109 -10.09 -5.10 28.96
CA ASN B 109 -9.81 -4.41 27.71
C ASN B 109 -8.48 -4.81 27.09
N LYS B 110 -7.92 -5.96 27.51
CA LYS B 110 -6.68 -6.48 26.95
C LYS B 110 -5.53 -5.51 27.15
N SER B 111 -5.53 -4.83 28.30
CA SER B 111 -4.55 -3.79 28.59
C SER B 111 -3.27 -4.31 29.23
N HIS B 112 -3.20 -5.60 29.58
CA HIS B 112 -1.96 -6.16 30.10
C HIS B 112 -1.02 -6.55 28.96
N LEU B 113 -1.47 -7.45 28.08
CA LEU B 113 -0.65 -7.87 26.96
C LEU B 113 -0.80 -6.96 25.74
N GLY B 114 -1.94 -6.28 25.62
CA GLY B 114 -2.21 -5.50 24.43
C GLY B 114 -3.11 -6.24 23.47
N ALA B 115 -4.19 -5.60 23.03
CA ALA B 115 -5.05 -6.23 22.04
C ALA B 115 -4.30 -6.46 20.74
N ASN B 116 -3.29 -5.63 20.46
CA ASN B 116 -2.53 -5.81 19.22
C ASN B 116 -1.64 -7.05 19.30
N ALA B 117 -1.05 -7.33 20.47
CA ALA B 117 -0.31 -8.57 20.64
C ALA B 117 -1.23 -9.78 20.54
N ILE B 118 -2.41 -9.70 21.16
CA ILE B 118 -3.33 -10.83 21.15
C ILE B 118 -3.87 -11.08 19.76
N LEU B 119 -4.28 -10.01 19.06
CA LEU B 119 -4.87 -10.20 17.73
C LEU B 119 -3.84 -10.71 16.73
N ALA B 120 -2.62 -10.18 16.77
CA ALA B 120 -1.57 -10.70 15.89
C ALA B 120 -1.43 -12.20 16.04
N THR B 121 -1.44 -12.69 17.28
CA THR B 121 -1.37 -14.12 17.52
C THR B 121 -2.63 -14.83 17.02
N SER B 122 -3.80 -14.30 17.36
CA SER B 122 -5.06 -14.93 16.99
C SER B 122 -5.14 -15.15 15.48
N LEU B 123 -4.82 -14.11 14.70
CA LEU B 123 -4.93 -14.22 13.25
C LEU B 123 -3.82 -15.07 12.66
N ALA B 124 -2.61 -14.98 13.22
CA ALA B 124 -1.53 -15.83 12.70
C ALA B 124 -1.82 -17.30 12.95
N CYS B 125 -2.46 -17.62 14.07
CA CYS B 125 -2.88 -18.99 14.33
C CYS B 125 -3.91 -19.46 13.29
N ALA B 126 -4.89 -18.60 12.98
CA ALA B 126 -5.87 -18.94 11.95
C ALA B 126 -5.19 -19.24 10.61
N ARG B 127 -4.14 -18.47 10.25
CA ARG B 127 -3.46 -18.73 9.00
C ARG B 127 -2.63 -20.01 9.07
N ALA B 128 -1.97 -20.26 10.21
CA ALA B 128 -1.27 -21.54 10.37
C ALA B 128 -2.24 -22.71 10.25
N ARG B 129 -3.46 -22.54 10.76
CA ARG B 129 -4.46 -23.60 10.67
C ARG B 129 -4.82 -23.87 9.21
N ALA B 130 -5.09 -22.81 8.45
CA ALA B 130 -5.47 -22.97 7.04
C ALA B 130 -4.37 -23.65 6.25
N LEU B 131 -3.12 -23.19 6.42
CA LEU B 131 -1.98 -23.83 5.75
C LEU B 131 -1.91 -25.31 6.10
N SER B 132 -2.12 -25.66 7.37
CA SER B 132 -2.07 -27.06 7.77
C SER B 132 -3.14 -27.88 7.08
N LEU B 133 -4.35 -27.32 6.96
CA LEU B 133 -5.45 -27.99 6.30
C LEU B 133 -5.29 -28.02 4.80
N ASN B 134 -4.34 -27.26 4.26
CA ASN B 134 -4.13 -27.12 2.82
C ASN B 134 -5.42 -26.69 2.12
N GLN B 135 -6.05 -25.66 2.67
CA GLN B 135 -7.27 -25.08 2.13
C GLN B 135 -7.14 -23.56 2.15
N PRO B 136 -7.78 -22.88 1.20
CA PRO B 136 -7.75 -21.41 1.21
C PRO B 136 -8.31 -20.85 2.52
N LEU B 137 -7.72 -19.74 2.97
CA LEU B 137 -8.06 -19.19 4.27
C LEU B 137 -9.56 -18.93 4.41
N TYR B 138 -10.18 -18.35 3.37
CA TYR B 138 -11.60 -18.04 3.47
C TYR B 138 -12.44 -19.29 3.67
N MET B 139 -12.04 -20.42 3.10
CA MET B 139 -12.78 -21.65 3.34
C MET B 139 -12.67 -22.08 4.81
N THR B 140 -11.47 -21.98 5.39
CA THR B 140 -11.28 -22.42 6.77
C THR B 140 -11.87 -21.47 7.80
N LEU B 141 -12.27 -20.26 7.38
CA LEU B 141 -12.90 -19.31 8.27
C LEU B 141 -14.41 -19.44 8.30
N ASN B 142 -15.01 -20.16 7.34
CA ASN B 142 -16.45 -20.19 7.24
C ASN B 142 -17.05 -20.98 8.39
N GLN B 143 -18.13 -20.46 8.97
CA GLN B 143 -18.79 -21.16 10.07
C GLN B 143 -20.22 -21.55 9.73
N GLY B 144 -20.51 -21.78 8.44
CA GLY B 144 -21.80 -22.29 7.99
C GLY B 144 -22.63 -21.29 7.20
N ASP B 145 -22.31 -20.00 7.28
CA ASP B 145 -23.04 -18.98 6.54
C ASP B 145 -22.82 -19.16 5.04
N MET B 146 -23.83 -18.78 4.25
CA MET B 146 -23.69 -18.77 2.80
CA MET B 146 -23.70 -18.77 2.80
C MET B 146 -22.71 -17.68 2.40
N MET B 147 -21.62 -18.07 1.77
CA MET B 147 -20.60 -17.11 1.40
C MET B 147 -20.98 -16.39 0.12
N THR B 148 -20.61 -15.12 0.03
CA THR B 148 -20.82 -14.30 -1.13
C THR B 148 -19.61 -13.42 -1.33
N MET B 149 -19.41 -12.96 -2.55
CA MET B 149 -18.45 -11.89 -2.78
C MET B 149 -19.09 -10.58 -2.34
N PRO B 150 -18.45 -9.79 -1.48
CA PRO B 150 -19.12 -8.63 -0.90
C PRO B 150 -19.16 -7.43 -1.84
N VAL B 151 -20.20 -6.62 -1.66
CA VAL B 151 -20.26 -5.30 -2.26
C VAL B 151 -19.26 -4.41 -1.54
N PRO B 152 -18.33 -3.79 -2.25
CA PRO B 152 -17.40 -2.86 -1.60
C PRO B 152 -18.00 -1.48 -1.46
N MET B 153 -17.80 -0.85 -0.31
CA MET B 153 -18.09 0.57 -0.18
C MET B 153 -16.74 1.29 -0.21
N MET B 154 -16.55 2.12 -1.23
CA MET B 154 -15.23 2.60 -1.64
C MET B 154 -15.11 4.08 -1.31
N ASN B 155 -14.21 4.40 -0.37
CA ASN B 155 -14.06 5.74 0.20
C ASN B 155 -13.15 6.57 -0.70
N ILE B 156 -13.72 7.23 -1.72
CA ILE B 156 -12.91 7.89 -2.73
C ILE B 156 -12.76 9.39 -2.48
N LEU B 157 -13.38 9.93 -1.45
CA LEU B 157 -13.11 11.31 -1.02
C LEU B 157 -12.97 11.28 0.48
N ASN B 158 -11.76 11.51 1.00
CA ASN B 158 -11.45 11.37 2.42
C ASN B 158 -11.56 12.70 3.16
N GLY B 159 -11.95 12.63 4.43
CA GLY B 159 -12.10 13.83 5.24
C GLY B 159 -11.85 13.53 6.72
N GLY B 160 -12.27 14.43 7.60
CA GLY B 160 -12.17 14.16 9.02
C GLY B 160 -10.75 13.85 9.45
N ALA B 161 -10.60 12.86 10.32
CA ALA B 161 -9.31 12.47 10.87
C ALA B 161 -8.36 11.88 9.84
N HIS B 162 -8.82 11.59 8.63
CA HIS B 162 -8.00 10.89 7.63
C HIS B 162 -7.37 11.81 6.60
N ALA B 163 -7.58 13.12 6.70
CA ALA B 163 -7.07 13.98 5.63
C ALA B 163 -6.84 15.39 6.13
N ASP B 164 -5.88 16.04 5.50
CA ASP B 164 -5.57 17.45 5.72
C ASP B 164 -6.44 18.27 4.76
N ASN B 165 -7.69 18.46 5.16
CA ASN B 165 -8.60 19.30 4.39
C ASN B 165 -9.69 19.79 5.34
N ASN B 166 -10.67 20.51 4.81
CA ASN B 166 -11.70 21.08 5.66
C ASN B 166 -12.92 20.17 5.78
N VAL B 167 -12.85 18.95 5.27
CA VAL B 167 -14.02 18.06 5.17
C VAL B 167 -14.34 17.45 6.53
N ASP B 168 -15.59 17.61 6.99
CA ASP B 168 -15.96 17.12 8.32
C ASP B 168 -16.35 15.65 8.29
N ILE B 169 -17.19 15.26 7.34
CA ILE B 169 -17.55 13.85 7.19
C ILE B 169 -16.29 13.07 6.86
N GLN B 170 -16.08 11.95 7.55
CA GLN B 170 -14.82 11.24 7.41
C GLN B 170 -14.71 10.53 6.06
N GLU B 171 -15.80 9.92 5.57
CA GLU B 171 -15.72 9.06 4.40
C GLU B 171 -16.91 9.25 3.49
N PHE B 172 -16.64 9.50 2.20
CA PHE B 172 -17.65 9.56 1.15
C PHE B 172 -17.43 8.36 0.25
N MET B 173 -18.40 7.44 0.22
CA MET B 173 -18.18 6.15 -0.42
C MET B 173 -19.18 5.93 -1.54
N ILE B 174 -18.71 5.27 -2.60
CA ILE B 174 -19.57 4.72 -3.64
C ILE B 174 -19.65 3.21 -3.46
N MET B 175 -20.79 2.64 -3.86
CA MET B 175 -21.04 1.20 -3.75
C MET B 175 -21.58 0.72 -5.09
N PRO B 176 -20.85 -0.14 -5.81
CA PRO B 176 -21.30 -0.64 -7.13
C PRO B 176 -22.27 -1.81 -6.99
N ILE B 177 -23.44 -1.48 -6.44
CA ILE B 177 -24.43 -2.50 -6.11
CA ILE B 177 -24.44 -2.48 -6.11
C ILE B 177 -25.02 -3.14 -7.36
N GLY B 178 -24.96 -2.46 -8.50
CA GLY B 178 -25.59 -2.98 -9.71
C GLY B 178 -24.70 -3.83 -10.58
N ALA B 179 -23.48 -4.10 -10.15
CA ALA B 179 -22.55 -4.88 -10.95
C ALA B 179 -22.99 -6.35 -11.00
N PRO B 180 -22.70 -7.04 -12.09
CA PRO B 180 -23.09 -8.46 -12.21
C PRO B 180 -22.21 -9.38 -11.37
N ASP B 181 -20.95 -9.00 -11.12
CA ASP B 181 -20.04 -9.84 -10.36
C ASP B 181 -19.00 -8.94 -9.70
N PHE B 182 -18.13 -9.54 -8.89
CA PHE B 182 -17.18 -8.71 -8.17
C PHE B 182 -16.11 -8.09 -9.07
N PRO B 183 -15.53 -8.80 -10.04
CA PRO B 183 -14.53 -8.13 -10.89
C PRO B 183 -15.08 -6.90 -11.58
N VAL B 184 -16.32 -6.96 -12.04
CA VAL B 184 -16.89 -5.80 -12.71
C VAL B 184 -17.22 -4.70 -11.70
N ALA B 185 -17.65 -5.08 -10.50
CA ALA B 185 -17.85 -4.10 -9.44
C ALA B 185 -16.57 -3.32 -9.18
N LEU B 186 -15.44 -4.02 -9.08
CA LEU B 186 -14.17 -3.33 -8.87
C LEU B 186 -13.83 -2.42 -10.04
N GLN B 187 -14.08 -2.90 -11.27
CA GLN B 187 -13.83 -2.09 -12.46
C GLN B 187 -14.65 -0.81 -12.46
N MET B 188 -15.93 -0.91 -12.10
CA MET B 188 -16.81 0.26 -12.06
C MET B 188 -16.31 1.28 -11.04
N GLY B 189 -15.97 0.83 -9.84
CA GLY B 189 -15.47 1.75 -8.83
C GLY B 189 -14.16 2.40 -9.24
N THR B 190 -13.26 1.61 -9.84
CA THR B 190 -12.00 2.15 -10.31
C THR B 190 -12.20 3.19 -11.40
N GLU B 191 -13.08 2.91 -12.36
CA GLU B 191 -13.30 3.86 -13.44
C GLU B 191 -13.86 5.17 -12.91
N ILE B 192 -14.78 5.09 -11.93
CA ILE B 192 -15.35 6.29 -11.32
C ILE B 192 -14.26 7.05 -10.57
N PHE B 193 -13.38 6.34 -9.88
CA PHE B 193 -12.27 6.96 -9.16
C PHE B 193 -11.41 7.79 -10.09
N HIS B 194 -11.05 7.24 -11.27
CA HIS B 194 -10.18 8.00 -12.16
C HIS B 194 -10.90 9.18 -12.80
N VAL B 195 -12.20 9.03 -13.08
CA VAL B 195 -12.99 10.15 -13.59
C VAL B 195 -13.09 11.24 -12.52
N LEU B 196 -13.25 10.85 -11.27
CA LEU B 196 -13.32 11.84 -10.20
C LEU B 196 -12.04 12.64 -10.10
N LYS B 197 -10.89 11.97 -10.27
CA LYS B 197 -9.63 12.70 -10.31
C LYS B 197 -9.67 13.79 -11.37
N SER B 198 -10.20 13.47 -12.56
CA SER B 198 -10.25 14.48 -13.62
CA SER B 198 -10.24 14.48 -13.61
C SER B 198 -11.25 15.58 -13.30
N VAL B 199 -12.38 15.21 -12.68
CA VAL B 199 -13.39 16.21 -12.31
C VAL B 199 -12.81 17.20 -11.31
N LEU B 200 -12.13 16.70 -10.29
CA LEU B 200 -11.50 17.57 -9.30
C LEU B 200 -10.43 18.44 -9.94
N LYS B 201 -9.55 17.85 -10.75
CA LYS B 201 -8.49 18.62 -11.39
C LYS B 201 -9.05 19.74 -12.25
N LYS B 202 -10.11 19.46 -13.01
CA LYS B 202 -10.69 20.49 -13.87
C LYS B 202 -11.22 21.66 -13.05
N GLN B 203 -11.64 21.41 -11.82
CA GLN B 203 -12.14 22.46 -10.93
C GLN B 203 -11.05 23.03 -10.02
N GLY B 204 -9.79 22.68 -10.24
CA GLY B 204 -8.71 23.18 -9.40
C GLY B 204 -8.74 22.67 -7.97
N LEU B 205 -9.32 21.49 -7.74
CA LEU B 205 -9.38 20.92 -6.40
C LEU B 205 -8.29 19.86 -6.23
N ASN B 206 -7.85 19.70 -4.99
CA ASN B 206 -6.69 18.86 -4.66
C ASN B 206 -6.95 17.40 -5.00
N THR B 207 -6.02 16.76 -5.73
CA THR B 207 -6.16 15.33 -5.98
C THR B 207 -5.05 14.48 -5.36
N ALA B 208 -4.19 15.07 -4.52
CA ALA B 208 -3.41 14.23 -3.62
C ALA B 208 -4.37 13.52 -2.67
N VAL B 209 -3.89 12.46 -2.01
CA VAL B 209 -4.84 11.58 -1.33
C VAL B 209 -4.62 11.56 0.18
N GLY B 210 -5.71 11.26 0.89
CA GLY B 210 -5.68 11.06 2.33
C GLY B 210 -5.33 9.64 2.69
N ASP B 211 -5.55 9.31 3.97
CA ASP B 211 -5.00 8.07 4.52
C ASP B 211 -5.56 6.84 3.85
N GLU B 212 -6.79 6.90 3.33
CA GLU B 212 -7.41 5.70 2.76
C GLU B 212 -7.44 5.73 1.25
N GLY B 213 -6.65 6.62 0.63
CA GLY B 213 -6.53 6.67 -0.81
C GLY B 213 -7.60 7.49 -1.52
N GLY B 214 -8.52 8.11 -0.78
CA GLY B 214 -9.46 9.01 -1.40
C GLY B 214 -8.85 10.39 -1.59
N PHE B 215 -9.37 11.13 -2.57
CA PHE B 215 -8.84 12.47 -2.77
C PHE B 215 -9.18 13.34 -1.57
N ALA B 216 -8.34 14.36 -1.35
CA ALA B 216 -8.47 15.20 -0.16
C ALA B 216 -8.68 16.67 -0.51
N PRO B 217 -9.66 17.01 -1.35
CA PRO B 217 -9.90 18.43 -1.65
C PRO B 217 -10.58 19.11 -0.47
N ASN B 218 -10.49 20.44 -0.47
CA ASN B 218 -11.40 21.24 0.36
C ASN B 218 -12.73 21.36 -0.38
N ILE B 219 -13.83 21.36 0.38
CA ILE B 219 -15.16 21.38 -0.20
C ILE B 219 -15.96 22.52 0.40
N GLN B 220 -16.94 23.02 -0.38
CA GLN B 220 -17.77 24.09 0.15
CA GLN B 220 -17.84 24.08 0.06
C GLN B 220 -18.88 23.57 1.06
N SER B 221 -19.28 22.31 0.91
CA SER B 221 -20.31 21.70 1.74
C SER B 221 -20.29 20.20 1.47
N ASN B 222 -20.95 19.44 2.36
CA ASN B 222 -21.08 18.01 2.13
C ASN B 222 -21.87 17.71 0.87
N ARG B 223 -22.86 18.54 0.54
CA ARG B 223 -23.59 18.36 -0.70
C ARG B 223 -22.68 18.55 -1.91
N GLN B 224 -21.73 19.50 -1.86
CA GLN B 224 -20.79 19.62 -2.97
C GLN B 224 -20.01 18.33 -3.17
N ALA B 225 -19.55 17.70 -2.08
CA ALA B 225 -18.84 16.44 -2.22
C ALA B 225 -19.72 15.39 -2.90
N LEU B 226 -20.97 15.28 -2.49
CA LEU B 226 -21.86 14.34 -3.14
C LEU B 226 -22.14 14.72 -4.58
N ASP B 227 -22.18 16.03 -4.89
CA ASP B 227 -22.36 16.47 -6.27
C ASP B 227 -21.16 16.09 -7.13
N LEU B 228 -19.95 16.24 -6.58
CA LEU B 228 -18.75 15.87 -7.32
C LEU B 228 -18.70 14.37 -7.59
N LEU B 229 -19.05 13.57 -6.59
CA LEU B 229 -19.13 12.12 -6.84
C LEU B 229 -20.19 11.82 -7.89
N SER B 230 -21.35 12.46 -7.81
CA SER B 230 -22.40 12.24 -8.79
C SER B 230 -21.92 12.61 -10.20
N GLU B 231 -21.20 13.71 -10.32
CA GLU B 231 -20.71 14.09 -11.63
C GLU B 231 -19.75 13.03 -12.18
N ALA B 232 -18.89 12.49 -11.32
CA ALA B 232 -17.94 11.48 -11.80
C ALA B 232 -18.66 10.19 -12.20
N ILE B 233 -19.67 9.81 -11.44
CA ILE B 233 -20.47 8.63 -11.77
C ILE B 233 -21.11 8.79 -13.15
N GLU B 234 -21.71 9.96 -13.39
CA GLU B 234 -22.35 10.21 -14.67
C GLU B 234 -21.33 10.22 -15.80
N LYS B 235 -20.20 10.91 -15.59
CA LYS B 235 -19.20 11.01 -16.66
C LYS B 235 -18.54 9.66 -16.95
N ALA B 236 -18.51 8.76 -15.95
CA ALA B 236 -18.02 7.41 -16.15
C ALA B 236 -19.04 6.53 -16.87
N GLY B 237 -20.25 7.03 -17.10
CA GLY B 237 -21.24 6.29 -17.85
C GLY B 237 -22.15 5.40 -17.02
N PHE B 238 -22.19 5.59 -15.70
CA PHE B 238 -22.99 4.74 -14.84
C PHE B 238 -24.20 5.48 -14.29
N ARG B 239 -25.18 4.72 -13.79
CA ARG B 239 -26.45 5.28 -13.35
C ARG B 239 -26.47 5.34 -11.83
N LEU B 240 -26.74 6.54 -11.30
CA LEU B 240 -27.06 6.67 -9.88
C LEU B 240 -28.29 5.84 -9.54
N GLY B 241 -28.23 5.11 -8.43
CA GLY B 241 -29.35 4.26 -8.05
C GLY B 241 -29.24 2.87 -8.61
N GLU B 242 -29.32 2.73 -9.93
CA GLU B 242 -29.31 1.41 -10.55
C GLU B 242 -27.91 0.78 -10.50
N ASP B 243 -26.87 1.55 -10.77
CA ASP B 243 -25.52 1.01 -10.75
C ASP B 243 -24.79 1.32 -9.45
N ILE B 244 -24.83 2.57 -9.03
CA ILE B 244 -23.99 3.09 -7.95
C ILE B 244 -24.88 3.78 -6.93
N VAL B 245 -24.65 3.48 -5.64
CA VAL B 245 -25.26 4.22 -4.55
C VAL B 245 -24.17 4.72 -3.61
N PHE B 246 -24.56 5.55 -2.64
CA PHE B 246 -23.61 6.18 -1.73
C PHE B 246 -23.69 5.57 -0.34
N ALA B 247 -22.56 5.58 0.35
CA ALA B 247 -22.51 5.32 1.78
C ALA B 247 -21.64 6.39 2.43
N LEU B 248 -21.98 6.74 3.67
CA LEU B 248 -21.21 7.74 4.43
C LEU B 248 -20.71 7.14 5.72
N ASP B 249 -19.48 7.51 6.11
CA ASP B 249 -19.03 7.36 7.49
C ASP B 249 -18.80 8.78 8.01
N VAL B 250 -19.74 9.25 8.84
CA VAL B 250 -19.64 10.59 9.40
C VAL B 250 -18.58 10.66 10.48
N ALA B 251 -18.37 9.56 11.23
CA ALA B 251 -17.52 9.56 12.42
C ALA B 251 -17.90 10.73 13.34
N ALA B 252 -19.20 10.79 13.66
CA ALA B 252 -19.73 11.96 14.36
C ALA B 252 -19.19 12.11 15.78
N SER B 253 -18.62 11.05 16.37
CA SER B 253 -17.96 11.25 17.66
C SER B 253 -16.83 12.27 17.55
N GLU B 254 -16.22 12.38 16.37
CA GLU B 254 -15.15 13.37 16.17
C GLU B 254 -15.71 14.78 16.08
N LEU B 255 -17.00 14.93 15.79
CA LEU B 255 -17.61 16.25 15.63
C LEU B 255 -18.36 16.70 16.87
N PHE B 256 -18.51 15.84 17.86
CA PHE B 256 -19.35 16.14 19.01
C PHE B 256 -18.54 16.81 20.10
N ASN B 257 -19.03 17.95 20.58
CA ASN B 257 -18.32 18.71 21.60
C ASN B 257 -19.33 19.59 22.33
N GLU B 258 -19.38 19.47 23.66
CA GLU B 258 -20.24 20.31 24.50
C GLU B 258 -21.69 20.23 24.05
N GLY B 259 -22.20 19.00 23.95
CA GLY B 259 -23.60 18.79 23.62
C GLY B 259 -24.03 19.17 22.22
N PHE B 260 -23.10 19.39 21.29
CA PHE B 260 -23.47 19.74 19.92
C PHE B 260 -22.54 19.05 18.94
N TYR B 261 -23.06 18.83 17.73
CA TYR B 261 -22.30 18.33 16.60
C TYR B 261 -21.89 19.49 15.72
N HIS B 262 -20.60 19.60 15.43
CA HIS B 262 -20.07 20.78 14.76
C HIS B 262 -19.69 20.42 13.33
N MET B 263 -20.43 20.97 12.38
CA MET B 263 -20.07 20.84 10.96
C MET B 263 -19.31 22.10 10.59
N TYR B 264 -18.01 22.12 10.96
CA TYR B 264 -17.23 23.35 10.84
C TYR B 264 -17.16 23.83 9.39
N SER B 265 -17.09 22.89 8.45
CA SER B 265 -17.00 23.27 7.04
C SER B 265 -18.21 24.10 6.61
N GLU B 266 -19.35 23.89 7.26
CA GLU B 266 -20.58 24.61 6.92
C GLU B 266 -20.97 25.63 7.98
N ASN B 267 -20.08 25.93 8.93
CA ASN B 267 -20.34 26.82 10.06
C ASN B 267 -21.71 26.55 10.68
N GLN B 268 -21.97 25.26 10.90
CA GLN B 268 -23.22 24.78 11.45
C GLN B 268 -22.94 23.97 12.70
N LYS B 269 -23.77 24.13 13.72
CA LYS B 269 -23.75 23.21 14.83
C LYS B 269 -25.17 22.71 15.07
N PHE B 270 -25.28 21.42 15.37
CA PHE B 270 -26.55 20.71 15.41
C PHE B 270 -26.69 20.02 16.75
N ASP B 271 -27.88 20.09 17.35
CA ASP B 271 -28.17 19.08 18.36
C ASP B 271 -28.54 17.78 17.64
N SER B 272 -28.69 16.71 18.43
CA SER B 272 -28.94 15.39 17.85
CA SER B 272 -28.94 15.39 17.85
C SER B 272 -30.18 15.41 16.96
N HIS B 273 -31.26 16.04 17.43
CA HIS B 273 -32.49 16.13 16.66
C HIS B 273 -32.26 16.81 15.32
N GLN B 274 -31.54 17.94 15.34
CA GLN B 274 -31.25 18.67 14.09
C GLN B 274 -30.38 17.86 13.15
N LEU B 275 -29.41 17.11 13.69
CA LEU B 275 -28.55 16.31 12.83
C LEU B 275 -29.33 15.17 12.18
N ILE B 276 -30.30 14.59 12.90
CA ILE B 276 -31.16 13.58 12.28
C ILE B 276 -31.93 14.18 11.10
N GLU B 277 -32.50 15.38 11.29
CA GLU B 277 -33.18 16.08 10.20
C GLU B 277 -32.23 16.32 9.03
N TYR B 278 -30.98 16.68 9.34
CA TYR B 278 -29.99 16.90 8.30
C TYR B 278 -29.76 15.65 7.46
N TYR B 279 -29.66 14.48 8.10
CA TYR B 279 -29.51 13.22 7.38
C TYR B 279 -30.76 12.89 6.57
N ALA B 280 -31.94 13.11 7.13
CA ALA B 280 -33.17 12.87 6.38
C ALA B 280 -33.20 13.67 5.10
N ASN B 281 -32.75 14.93 5.16
CA ASN B 281 -32.72 15.77 3.97
C ASN B 281 -31.66 15.32 2.98
N LEU B 282 -30.50 14.87 3.46
CA LEU B 282 -29.49 14.34 2.53
C LEU B 282 -30.02 13.11 1.81
N ILE B 283 -30.69 12.22 2.55
CA ILE B 283 -31.19 10.97 1.97
C ILE B 283 -32.27 11.24 0.93
N SER B 284 -33.06 12.30 1.11
CA SER B 284 -34.07 12.59 0.09
CA SER B 284 -34.09 12.65 0.12
C SER B 284 -33.48 13.21 -1.17
N SER B 285 -32.25 13.72 -1.10
CA SER B 285 -31.61 14.35 -2.25
C SER B 285 -30.63 13.44 -2.99
N TYR B 286 -30.12 12.41 -2.34
CA TYR B 286 -29.06 11.55 -2.88
C TYR B 286 -29.36 10.11 -2.50
N PRO B 287 -28.95 9.15 -3.35
CA PRO B 287 -29.17 7.72 -3.07
C PRO B 287 -28.19 7.18 -2.03
N ILE B 288 -28.26 7.75 -0.83
CA ILE B 288 -27.46 7.28 0.30
C ILE B 288 -28.19 6.08 0.91
N VAL B 289 -27.53 4.92 0.90
CA VAL B 289 -28.16 3.69 1.40
C VAL B 289 -27.60 3.29 2.77
N SER B 290 -26.59 3.97 3.26
CA SER B 290 -25.97 3.59 4.53
C SER B 290 -25.29 4.82 5.14
N ILE B 291 -25.50 5.00 6.44
CA ILE B 291 -24.83 6.06 7.20
C ILE B 291 -24.19 5.40 8.42
N GLU B 292 -22.87 5.51 8.52
CA GLU B 292 -22.10 4.95 9.62
C GLU B 292 -21.76 6.03 10.62
N ASP B 293 -21.94 5.73 11.91
CA ASP B 293 -21.64 6.65 13.02
C ASP B 293 -22.19 8.05 12.76
N GLY B 294 -23.48 8.11 12.42
CA GLY B 294 -24.15 9.38 12.24
C GLY B 294 -24.24 10.20 13.50
N LEU B 295 -24.13 9.56 14.66
CA LEU B 295 -24.21 10.24 15.96
C LEU B 295 -23.08 9.74 16.85
N ASP B 296 -22.86 10.47 17.94
CA ASP B 296 -21.75 10.20 18.84
C ASP B 296 -21.91 8.83 19.50
N GLU B 297 -20.76 8.23 19.86
CA GLU B 297 -20.73 6.91 20.47
C GLU B 297 -21.50 6.84 21.80
N LYS B 298 -21.69 7.96 22.48
CA LYS B 298 -22.45 8.00 23.74
C LYS B 298 -23.86 8.54 23.59
N ASP B 299 -24.27 8.91 22.38
CA ASP B 299 -25.57 9.55 22.17
C ASP B 299 -26.64 8.47 21.94
N TRP B 300 -26.89 7.67 22.99
CA TRP B 300 -27.73 6.49 22.77
C TRP B 300 -29.18 6.87 22.52
N SER B 301 -29.65 7.95 23.16
CA SER B 301 -31.00 8.43 22.86
C SER B 301 -31.10 8.94 21.43
N GLY B 302 -30.06 9.65 20.95
CA GLY B 302 -30.07 10.09 19.57
C GLY B 302 -30.06 8.93 18.59
N TRP B 303 -29.22 7.92 18.87
CA TRP B 303 -29.17 6.74 18.01
C TRP B 303 -30.52 6.03 17.96
N LYS B 304 -31.22 5.95 19.09
CA LYS B 304 -32.55 5.34 19.06
C LYS B 304 -33.52 6.15 18.20
N GLN B 305 -33.52 7.47 18.37
CA GLN B 305 -34.35 8.33 17.54
C GLN B 305 -34.00 8.18 16.05
N LEU B 306 -32.71 8.19 15.75
CA LEU B 306 -32.25 8.02 14.38
C LEU B 306 -32.74 6.69 13.81
N THR B 307 -32.66 5.62 14.60
CA THR B 307 -33.05 4.30 14.12
C THR B 307 -34.55 4.23 13.88
N THR B 308 -35.34 4.74 14.82
CA THR B 308 -36.78 4.80 14.63
C THR B 308 -37.17 5.64 13.42
N HIS B 309 -36.53 6.79 13.25
CA HIS B 309 -36.97 7.72 12.22
C HIS B 309 -36.49 7.32 10.82
N LEU B 310 -35.26 6.82 10.71
CA LEU B 310 -34.69 6.56 9.39
C LEU B 310 -34.26 5.11 9.16
N GLY B 311 -34.29 4.27 10.20
CA GLY B 311 -33.79 2.90 10.07
C GLY B 311 -34.52 2.04 9.07
N ASN B 312 -35.78 2.37 8.76
CA ASN B 312 -36.49 1.65 7.71
C ASN B 312 -36.06 2.09 6.32
N LYS B 313 -35.41 3.24 6.20
CA LYS B 313 -35.05 3.82 4.92
C LYS B 313 -33.57 3.65 4.57
N VAL B 314 -32.71 3.40 5.55
CA VAL B 314 -31.28 3.43 5.32
C VAL B 314 -30.62 2.47 6.30
N GLN B 315 -29.51 1.89 5.89
CA GLN B 315 -28.69 1.14 6.82
C GLN B 315 -27.99 2.12 7.78
N LEU B 316 -27.97 1.77 9.06
CA LEU B 316 -27.40 2.61 10.11
C LEU B 316 -26.32 1.78 10.80
N VAL B 317 -25.06 2.10 10.53
CA VAL B 317 -23.93 1.26 10.96
C VAL B 317 -23.33 1.86 12.23
N GLY B 318 -23.33 1.09 13.31
CA GLY B 318 -22.54 1.45 14.48
C GLY B 318 -21.09 1.03 14.33
N ASP B 319 -20.16 1.98 14.49
CA ASP B 319 -18.73 1.69 14.47
C ASP B 319 -18.19 1.92 15.88
N ASP B 320 -17.85 3.18 16.22
CA ASP B 320 -17.48 3.50 17.59
C ASP B 320 -18.60 3.20 18.57
N LEU B 321 -19.84 3.17 18.09
CA LEU B 321 -20.97 2.84 18.94
C LEU B 321 -20.84 1.46 19.58
N PHE B 322 -20.35 0.48 18.80
CA PHE B 322 -20.32 -0.91 19.23
C PHE B 322 -18.93 -1.46 19.46
N VAL B 323 -17.91 -0.85 18.83
CA VAL B 323 -16.52 -1.30 18.80
C VAL B 323 -16.38 -2.82 18.74
N THR B 324 -17.10 -3.45 17.80
CA THR B 324 -16.98 -4.89 17.52
C THR B 324 -17.04 -5.70 18.81
N ASN B 325 -17.84 -5.25 19.75
CA ASN B 325 -17.83 -5.79 21.10
C ASN B 325 -19.18 -6.45 21.38
N PRO B 326 -19.22 -7.79 21.49
CA PRO B 326 -20.51 -8.46 21.71
C PRO B 326 -21.32 -7.92 22.88
N LYS B 327 -20.67 -7.54 23.98
CA LYS B 327 -21.43 -7.06 25.14
C LYS B 327 -22.13 -5.73 24.85
N ILE B 328 -21.48 -4.85 24.09
CA ILE B 328 -22.08 -3.58 23.74
C ILE B 328 -23.14 -3.76 22.65
N LEU B 329 -22.84 -4.57 21.64
CA LEU B 329 -23.82 -4.85 20.60
C LEU B 329 -25.08 -5.46 21.19
N ARG B 330 -24.91 -6.35 22.17
CA ARG B 330 -26.07 -6.95 22.83
C ARG B 330 -26.98 -5.88 23.44
N GLU B 331 -26.39 -4.90 24.13
CA GLU B 331 -27.20 -3.82 24.70
CA GLU B 331 -27.22 -3.85 24.71
C GLU B 331 -27.84 -2.99 23.61
N GLY B 332 -27.10 -2.72 22.53
CA GLY B 332 -27.68 -1.98 21.42
C GLY B 332 -28.87 -2.68 20.80
N ILE B 333 -28.76 -3.99 20.57
CA ILE B 333 -29.89 -4.76 20.03
C ILE B 333 -31.09 -4.67 20.95
N ALA B 334 -30.85 -4.80 22.25
CA ALA B 334 -31.94 -4.76 23.22
C ALA B 334 -32.66 -3.42 23.21
N GLN B 335 -31.94 -2.34 22.94
CA GLN B 335 -32.53 -1.00 22.92
C GLN B 335 -32.98 -0.59 21.53
N GLY B 336 -32.77 -1.42 20.52
CA GLY B 336 -33.23 -1.11 19.17
C GLY B 336 -32.44 0.00 18.52
N ILE B 337 -31.12 0.03 18.70
CA ILE B 337 -30.25 1.09 18.21
CA ILE B 337 -30.31 1.10 18.16
C ILE B 337 -29.42 0.53 17.06
N ALA B 338 -29.37 1.27 15.95
CA ALA B 338 -28.70 0.91 14.71
C ALA B 338 -29.34 -0.34 14.09
N ASN B 339 -28.89 -0.72 12.89
CA ASN B 339 -29.34 -1.95 12.27
C ASN B 339 -28.18 -2.65 11.56
N ALA B 340 -26.95 -2.23 11.83
CA ALA B 340 -25.77 -2.84 11.26
C ALA B 340 -24.60 -2.52 12.18
N ILE B 341 -23.54 -3.32 12.07
CA ILE B 341 -22.32 -3.12 12.86
C ILE B 341 -21.11 -3.19 11.93
N LEU B 342 -20.17 -2.27 12.14
CA LEU B 342 -18.89 -2.31 11.43
C LEU B 342 -17.97 -3.27 12.16
N ILE B 343 -17.44 -4.27 11.46
CA ILE B 343 -16.65 -5.32 12.09
C ILE B 343 -15.18 -5.00 11.91
N LYS B 344 -14.48 -4.67 13.00
CA LYS B 344 -13.06 -4.35 13.02
C LYS B 344 -12.39 -5.28 14.02
N VAL B 345 -11.65 -6.28 13.52
CA VAL B 345 -11.06 -7.28 14.41
C VAL B 345 -10.23 -6.64 15.52
N ASN B 346 -9.59 -5.51 15.25
CA ASN B 346 -8.69 -4.98 16.27
C ASN B 346 -9.39 -4.06 17.26
N GLN B 347 -10.69 -3.81 17.09
CA GLN B 347 -11.47 -3.19 18.15
C GLN B 347 -11.73 -4.11 19.33
N ILE B 348 -11.68 -5.43 19.11
CA ILE B 348 -12.02 -6.40 20.15
C ILE B 348 -10.84 -7.32 20.47
N GLY B 349 -10.03 -7.68 19.48
CA GLY B 349 -8.73 -8.28 19.72
C GLY B 349 -8.57 -9.76 19.44
N THR B 350 -9.65 -10.51 19.17
CA THR B 350 -9.52 -11.93 18.80
C THR B 350 -10.48 -12.24 17.66
N LEU B 351 -10.11 -13.26 16.89
CA LEU B 351 -11.04 -13.74 15.86
C LEU B 351 -12.30 -14.31 16.50
N SER B 352 -12.17 -15.02 17.62
CA SER B 352 -13.35 -15.66 18.20
C SER B 352 -14.36 -14.63 18.71
N GLU B 353 -13.89 -13.56 19.34
CA GLU B 353 -14.80 -12.51 19.80
C GLU B 353 -15.41 -11.76 18.62
N THR B 354 -14.63 -11.56 17.55
CA THR B 354 -15.20 -10.98 16.34
C THR B 354 -16.33 -11.84 15.81
N ARG B 355 -16.13 -13.16 15.76
CA ARG B 355 -17.18 -14.08 15.35
C ARG B 355 -18.40 -14.02 16.26
N GLN B 356 -18.20 -13.82 17.56
CA GLN B 356 -19.35 -13.68 18.46
C GLN B 356 -20.20 -12.48 18.07
N ALA B 357 -19.55 -11.36 17.71
CA ALA B 357 -20.26 -10.16 17.34
C ALA B 357 -21.04 -10.37 16.04
N ILE B 358 -20.37 -10.99 15.06
CA ILE B 358 -21.02 -11.32 13.78
C ILE B 358 -22.26 -12.18 14.03
N LYS B 359 -22.11 -13.25 14.83
CA LYS B 359 -23.24 -14.15 15.07
C LYS B 359 -24.39 -13.43 15.75
N LEU B 360 -24.08 -12.61 16.77
CA LEU B 360 -25.12 -11.86 17.47
C LEU B 360 -25.85 -10.91 16.53
N ALA B 361 -25.12 -10.29 15.60
CA ALA B 361 -25.76 -9.41 14.62
C ALA B 361 -26.68 -10.19 13.69
N TYR B 362 -26.15 -11.27 13.09
CA TYR B 362 -26.97 -12.10 12.20
C TYR B 362 -28.22 -12.61 12.90
N ASP B 363 -28.07 -13.08 14.15
CA ASP B 363 -29.18 -13.68 14.87
C ASP B 363 -30.27 -12.68 15.19
N ASN B 364 -29.99 -11.38 15.03
CA ASN B 364 -30.94 -10.35 15.42
C ASN B 364 -31.22 -9.37 14.29
N GLY B 365 -30.97 -9.78 13.05
CA GLY B 365 -31.35 -9.00 11.90
C GLY B 365 -30.44 -7.84 11.57
N TYR B 366 -29.27 -7.73 12.19
CA TYR B 366 -28.30 -6.68 11.89
C TYR B 366 -27.37 -7.14 10.77
N ARG B 367 -27.01 -6.23 9.88
CA ARG B 367 -26.00 -6.56 8.89
C ARG B 367 -24.62 -6.26 9.47
N CYS B 368 -23.61 -6.91 8.88
CA CYS B 368 -22.21 -6.69 9.23
C CYS B 368 -21.48 -6.13 8.03
N VAL B 369 -20.65 -5.11 8.26
CA VAL B 369 -19.77 -4.56 7.24
C VAL B 369 -18.33 -4.83 7.69
N MET B 370 -17.61 -5.64 6.92
CA MET B 370 -16.25 -5.99 7.28
C MET B 370 -15.33 -4.82 6.93
N SER B 371 -14.44 -4.43 7.85
CA SER B 371 -13.78 -3.13 7.70
C SER B 371 -12.27 -3.17 7.95
N HIS B 372 -11.56 -2.37 7.17
CA HIS B 372 -10.17 -2.01 7.43
C HIS B 372 -10.09 -1.01 8.59
N ARG B 373 -8.86 -0.65 8.98
CA ARG B 373 -8.60 0.60 9.68
C ARG B 373 -7.90 1.57 8.74
N SER B 374 -7.86 2.83 9.17
CA SER B 374 -7.21 3.84 8.35
C SER B 374 -5.69 3.64 8.32
N GLY B 375 -5.13 3.03 9.36
CA GLY B 375 -3.74 2.61 9.33
C GLY B 375 -3.67 1.14 9.00
N GLU B 376 -3.37 0.79 7.76
CA GLU B 376 -3.46 -0.60 7.32
C GLU B 376 -2.07 -1.21 7.20
N THR B 377 -2.04 -2.52 6.93
CA THR B 377 -0.80 -3.20 6.56
C THR B 377 -1.04 -3.97 5.26
N GLU B 378 0.02 -4.67 4.81
CA GLU B 378 -0.08 -5.56 3.66
C GLU B 378 -0.95 -6.79 3.94
N ASP B 379 -1.40 -6.98 5.18
CA ASP B 379 -2.23 -8.14 5.52
C ASP B 379 -3.62 -8.02 4.90
N THR B 380 -4.11 -9.10 4.28
CA THR B 380 -5.40 -9.04 3.59
C THR B 380 -6.48 -9.89 4.29
N PHE B 381 -6.32 -10.14 5.59
CA PHE B 381 -7.22 -11.05 6.30
C PHE B 381 -8.69 -10.68 6.11
N ILE B 382 -9.01 -9.38 6.07
CA ILE B 382 -10.42 -9.00 6.05
C ILE B 382 -11.08 -9.36 4.72
N ALA B 383 -10.31 -9.51 3.64
CA ALA B 383 -10.91 -9.99 2.39
C ALA B 383 -11.43 -11.41 2.57
N ASP B 384 -10.58 -12.30 3.12
CA ASP B 384 -11.01 -13.66 3.37
C ASP B 384 -12.15 -13.72 4.38
N LEU B 385 -12.06 -12.91 5.45
CA LEU B 385 -13.10 -12.96 6.47
C LEU B 385 -14.42 -12.40 5.95
N ALA B 386 -14.37 -11.37 5.09
CA ALA B 386 -15.60 -10.84 4.50
C ALA B 386 -16.32 -11.92 3.70
N VAL B 387 -15.61 -12.62 2.81
CA VAL B 387 -16.25 -13.70 2.03
C VAL B 387 -16.73 -14.81 2.95
N ALA B 388 -15.89 -15.23 3.90
CA ALA B 388 -16.23 -16.39 4.73
C ALA B 388 -17.46 -16.12 5.57
N SER B 389 -17.59 -14.90 6.08
CA SER B 389 -18.71 -14.56 6.96
C SER B 389 -20.01 -14.43 6.18
N GLY B 390 -19.93 -14.26 4.86
CA GLY B 390 -21.12 -14.01 4.09
C GLY B 390 -21.80 -12.70 4.41
N CYS B 391 -21.06 -11.73 4.96
CA CYS B 391 -21.69 -10.48 5.37
C CYS B 391 -22.15 -9.65 4.19
N GLY B 392 -21.56 -9.85 3.01
CA GLY B 392 -22.00 -9.20 1.79
C GLY B 392 -21.56 -7.76 1.61
N GLN B 393 -20.82 -7.19 2.55
CA GLN B 393 -20.40 -5.80 2.47
C GLN B 393 -18.99 -5.68 3.04
N ILE B 394 -18.13 -4.98 2.32
CA ILE B 394 -16.77 -4.76 2.81
C ILE B 394 -16.45 -3.28 2.65
N LYS B 395 -15.69 -2.75 3.60
CA LYS B 395 -15.21 -1.37 3.56
C LYS B 395 -13.69 -1.45 3.69
N THR B 396 -12.99 -1.27 2.58
CA THR B 396 -11.54 -1.43 2.65
C THR B 396 -10.79 -0.39 1.81
N GLY B 397 -11.43 0.71 1.45
CA GLY B 397 -10.70 1.89 1.01
C GLY B 397 -11.01 2.34 -0.41
N SER B 398 -10.31 3.40 -0.81
CA SER B 398 -10.37 3.89 -2.17
C SER B 398 -9.65 2.91 -3.10
N LEU B 399 -9.53 3.29 -4.37
CA LEU B 399 -8.96 2.43 -5.39
C LEU B 399 -7.51 2.76 -5.66
N CYS B 400 -6.83 3.41 -4.73
CA CYS B 400 -5.38 3.54 -4.82
C CYS B 400 -4.83 3.35 -3.42
N ARG B 401 -3.48 3.21 -3.35
CA ARG B 401 -2.71 2.77 -2.18
C ARG B 401 -2.85 1.26 -2.00
N THR B 402 -1.71 0.56 -2.02
CA THR B 402 -1.75 -0.89 -1.89
C THR B 402 -2.30 -1.33 -0.53
N ASP B 403 -2.23 -0.47 0.50
CA ASP B 403 -2.93 -0.79 1.75
C ASP B 403 -4.41 -1.05 1.52
N ARG B 404 -4.99 -0.49 0.46
CA ARG B 404 -6.36 -0.78 0.07
C ARG B 404 -6.44 -1.77 -1.07
N THR B 405 -5.68 -1.56 -2.15
CA THR B 405 -5.83 -2.41 -3.33
C THR B 405 -5.44 -3.86 -3.04
N ALA B 406 -4.56 -4.10 -2.07
CA ALA B 406 -4.20 -5.49 -1.77
C ALA B 406 -5.43 -6.29 -1.33
N LYS B 407 -6.38 -5.65 -0.64
CA LYS B 407 -7.60 -6.36 -0.25
C LYS B 407 -8.48 -6.63 -1.47
N TYR B 408 -8.68 -5.63 -2.33
CA TYR B 408 -9.41 -5.87 -3.57
C TYR B 408 -8.76 -6.97 -4.40
N ASN B 409 -7.42 -6.97 -4.48
CA ASN B 409 -6.75 -8.01 -5.24
C ASN B 409 -6.97 -9.38 -4.63
N GLN B 410 -6.97 -9.46 -3.29
CA GLN B 410 -7.21 -10.76 -2.65
C GLN B 410 -8.64 -11.24 -2.92
N LEU B 411 -9.60 -10.32 -2.96
CA LEU B 411 -10.96 -10.71 -3.35
C LEU B 411 -11.00 -11.21 -4.79
N LEU B 412 -10.22 -10.59 -5.68
CA LEU B 412 -10.14 -11.10 -7.05
C LEU B 412 -9.60 -12.52 -7.08
N ARG B 413 -8.58 -12.80 -6.26
CA ARG B 413 -8.02 -14.15 -6.18
C ARG B 413 -9.05 -15.14 -5.66
N ILE B 414 -9.76 -14.78 -4.58
CA ILE B 414 -10.80 -15.64 -4.04
C ILE B 414 -11.86 -15.92 -5.11
N ASN B 415 -12.34 -14.87 -5.78
CA ASN B 415 -13.37 -15.02 -6.79
C ASN B 415 -12.99 -16.05 -7.86
N GLU B 416 -11.70 -16.22 -8.11
CA GLU B 416 -11.22 -17.09 -9.20
C GLU B 416 -11.74 -18.53 -9.06
N LEU B 417 -11.57 -19.15 -7.91
CA LEU B 417 -12.00 -20.54 -7.74
C LEU B 417 -13.15 -20.71 -6.75
N ALA B 418 -13.73 -19.62 -6.24
CA ALA B 418 -14.74 -19.77 -5.19
C ALA B 418 -16.12 -20.15 -5.74
N SER B 419 -16.42 -19.77 -6.99
CA SER B 419 -17.73 -20.02 -7.59
C SER B 419 -18.85 -19.52 -6.68
N LEU B 420 -18.75 -18.27 -6.26
CA LEU B 420 -19.67 -17.68 -5.30
C LEU B 420 -20.45 -16.54 -5.94
N PRO B 421 -21.66 -16.28 -5.49
CA PRO B 421 -22.42 -15.14 -6.03
C PRO B 421 -21.88 -13.82 -5.50
N TYR B 422 -22.21 -12.76 -6.24
CA TYR B 422 -21.93 -11.40 -5.80
C TYR B 422 -23.15 -10.89 -5.05
N ALA B 423 -22.93 -10.26 -3.89
CA ALA B 423 -24.07 -9.95 -3.03
C ALA B 423 -24.99 -8.92 -3.68
N GLY B 424 -24.41 -7.96 -4.41
CA GLY B 424 -25.21 -7.07 -5.25
C GLY B 424 -26.29 -6.35 -4.47
N LYS B 425 -27.48 -6.25 -5.07
CA LYS B 425 -28.57 -5.52 -4.46
C LYS B 425 -29.23 -6.29 -3.32
N ASN B 426 -28.82 -7.54 -3.09
CA ASN B 426 -29.36 -8.31 -1.97
C ASN B 426 -28.96 -7.71 -0.62
N ILE B 427 -27.94 -6.86 -0.60
CA ILE B 427 -27.56 -6.19 0.64
C ILE B 427 -28.59 -5.18 1.11
N LEU B 428 -29.59 -4.88 0.27
CA LEU B 428 -30.67 -3.97 0.66
C LEU B 428 -31.88 -4.77 1.14
C1 2PG C . 11.54 6.82 -11.24
C2 2PG C . 10.33 5.99 -10.78
C3 2PG C . 10.40 5.61 -9.30
P 2PG C . 8.30 6.02 -12.35
O1 2PG C . 12.66 6.57 -10.73
O2 2PG C . 11.43 7.71 -12.14
O3 2PG C . 10.27 6.72 -8.46
O1P 2PG C . 9.15 6.65 -11.09
O2P 2PG C . 9.20 5.96 -13.58
O3P 2PG C . 7.98 4.62 -11.93
O4P 2PG C . 7.04 6.80 -12.58
MG MG D . 13.70 8.02 -12.03
MG MG E . 10.36 7.70 -14.26
C1 EDO F . 24.68 -9.60 -11.03
O1 EDO F . 23.57 -10.16 -10.30
C2 EDO F . 25.84 -9.36 -10.06
O2 EDO F . 26.23 -10.63 -9.50
C1 EDO G . 17.78 6.80 16.59
O1 EDO G . 17.68 8.17 16.99
C2 EDO G . 17.88 5.89 17.83
O2 EDO G . 16.69 6.01 18.62
C1 EDO H . 10.26 -13.64 -0.28
O1 EDO H . 9.17 -13.46 -1.21
C2 EDO H . 10.14 -14.94 0.52
O2 EDO H . 11.44 -15.44 0.91
C1 EDO I . 13.46 -13.37 4.42
O1 EDO I . 12.50 -13.08 5.45
C2 EDO I . 12.69 -13.56 3.12
O2 EDO I . 13.54 -13.31 1.99
C1 EDO J . -21.34 -16.17 12.08
O1 EDO J . -21.36 -17.56 11.71
C2 EDO J . -20.18 -15.90 13.03
O2 EDO J . -18.95 -16.26 12.40
C1 2PG K . -13.58 3.91 10.53
C2 2PG K . -12.14 3.53 10.13
C3 2PG K . -12.04 2.91 8.72
P 2PG K . -10.30 4.46 11.62
O1 2PG K . -13.81 4.90 11.30
O2 2PG K . -14.54 3.22 10.09
O3 2PG K . -12.28 3.81 7.67
O1P 2PG K . -11.24 4.59 10.30
O2P 2PG K . -9.37 5.65 11.68
O3P 2PG K . -11.16 4.30 12.86
O4P 2PG K . -9.48 3.20 11.43
MG MG L . -16.01 4.40 11.09
MG MG M . -12.88 5.58 13.29
C1 EDO N . -18.57 -2.42 -17.02
O1 EDO N . -18.92 -1.13 -17.52
C2 EDO N . -18.37 -3.39 -18.19
O2 EDO N . -17.18 -3.04 -18.92
C1 EDO O . -7.56 -17.82 -2.17
O1 EDO O . -6.71 -17.54 -3.30
C2 EDO O . -6.81 -17.39 -0.91
O2 EDO O . -7.70 -17.40 0.22
#